data_2QMA
#
_entry.id   2QMA
#
_cell.length_a   64.431
_cell.length_b   122.776
_cell.length_c   64.289
_cell.angle_alpha   90.00
_cell.angle_beta   95.74
_cell.angle_gamma   90.00
#
_symmetry.space_group_name_H-M   'P 1 21 1'
#
loop_
_entity.id
_entity.type
_entity.pdbx_description
1 polymer 'Diaminobutyrate-pyruvate transaminase and L-2,4-diaminobutyrate decarboxylase'
2 non-polymer 1,2-ETHANEDIOL
3 water water
#
_entity_poly.entity_id   1
_entity_poly.type   'polypeptide(L)'
_entity_poly.pdbx_seq_one_letter_code
;SNAIAAGGSHVEAAPQEEWKKHFIHTGELGSAEFASV(MSE)SHTTSA(MSE)KSVFEQVNAPYSG(MSE)DPKALEDAI
NAVDLDNKNAPLKSVIDDVAELVAKNAIFTQHPDCIAHLHTPPL(MSE)PAVAAEA(MSE)IAALNQS(MSE)DSWDQAS
SATYVEQKVVNWLCDKYDLSEKADGIFTSGGTQSNQ(MSE)GL(MSE)LARDWIADKLSGHSIQKLGLPDYADKLRIVCS
KKSHFTVQKSASW(MSE)GLGEKAV(MSE)TVDANADGT(MSE)DITKLDEVIAQAKAEGLIPFAIVGTAGTTDHGAIDD
LDFIAD(MSE)AVKHD(MSE)W(MSE)HVDGAYGGALILSSHKSRLKGVERAHSISVDFHKLFYQTISCGALLVNDKSNF
KFLLHHADYLNREHDELPNLVDKSIATTKRFDALKVF(MSE)T(MSE)QNVGPKALGD(MSE)YDHLLAQTLEVAD
(MSE)IRTNDQFELLAEPSLSTVLFRATHETADLDELNKALRLEALTRGIAVLGETIVDGKTALKFTILNPCLTTSDFES
LLSKIN(MSE)LAVELV
;
_entity_poly.pdbx_strand_id   A,B
#
# COMPACT_ATOMS: atom_id res chain seq x y z
N ALA A 14 33.23 6.40 -12.45
CA ALA A 14 31.99 5.77 -11.90
C ALA A 14 32.06 4.26 -12.07
N PRO A 15 32.06 3.51 -10.94
CA PRO A 15 32.15 2.04 -10.95
C PRO A 15 30.88 1.34 -11.45
N GLN A 16 30.48 1.65 -12.68
CA GLN A 16 29.22 1.09 -13.22
C GLN A 16 29.23 -0.43 -13.32
N GLU A 17 30.41 -1.03 -13.42
CA GLU A 17 30.52 -2.48 -13.46
CA GLU A 17 30.52 -2.49 -13.45
C GLU A 17 30.29 -3.11 -12.08
N GLU A 18 30.76 -2.44 -11.02
CA GLU A 18 30.49 -2.97 -9.67
C GLU A 18 29.04 -2.71 -9.20
N TRP A 19 28.45 -1.63 -9.69
CA TRP A 19 27.02 -1.38 -9.41
C TRP A 19 26.13 -2.42 -10.09
N LYS A 20 26.59 -2.94 -11.23
CA LYS A 20 25.81 -3.91 -12.00
C LYS A 20 25.29 -5.08 -11.14
N LYS A 21 26.11 -5.47 -10.15
CA LYS A 21 25.81 -6.59 -9.27
C LYS A 21 24.52 -6.37 -8.48
N HIS A 22 24.25 -5.09 -8.16
CA HIS A 22 23.09 -4.64 -7.37
C HIS A 22 21.72 -4.67 -8.10
N PHE A 23 21.72 -4.94 -9.41
CA PHE A 23 20.50 -4.88 -10.24
C PHE A 23 20.32 -6.12 -11.14
N ILE A 24 19.08 -6.44 -11.48
CA ILE A 24 18.80 -7.49 -12.46
C ILE A 24 18.98 -6.87 -13.83
N HIS A 25 19.47 -7.66 -14.79
CA HIS A 25 19.52 -7.24 -16.17
C HIS A 25 18.91 -8.29 -17.10
N THR A 26 18.50 -7.82 -18.26
CA THR A 26 17.94 -8.71 -19.28
C THR A 26 19.05 -9.39 -20.09
N GLY A 27 18.72 -10.49 -20.78
CA GLY A 27 19.70 -11.11 -21.69
C GLY A 27 20.57 -12.13 -20.98
N GLU A 28 21.57 -12.64 -21.71
CA GLU A 28 22.40 -13.73 -21.21
C GLU A 28 23.18 -13.28 -19.99
N LEU A 29 23.15 -14.12 -18.95
CA LEU A 29 23.91 -13.90 -17.71
C LEU A 29 23.41 -12.71 -16.86
N GLY A 30 22.40 -12.00 -17.34
CA GLY A 30 21.92 -10.79 -16.66
C GLY A 30 21.22 -11.09 -15.33
N SER A 31 20.64 -12.29 -15.23
CA SER A 31 19.90 -12.67 -14.02
C SER A 31 20.58 -13.75 -13.20
N ALA A 32 21.83 -14.05 -13.50
CA ALA A 32 22.55 -15.06 -12.74
C ALA A 32 22.65 -14.72 -11.27
N GLU A 33 23.05 -13.49 -10.94
CA GLU A 33 23.22 -13.12 -9.54
C GLU A 33 21.84 -13.13 -8.85
N PHE A 34 20.85 -12.66 -9.60
CA PHE A 34 19.48 -12.62 -9.09
C PHE A 34 19.06 -14.01 -8.59
N ALA A 35 19.19 -15.01 -9.45
CA ALA A 35 18.82 -16.39 -9.11
C ALA A 35 19.57 -16.88 -7.86
N SER A 36 20.87 -16.60 -7.82
CA SER A 36 21.73 -17.01 -6.71
C SER A 36 21.31 -16.39 -5.38
N VAL A 37 20.96 -15.10 -5.42
CA VAL A 37 20.53 -14.36 -4.21
C VAL A 37 19.17 -14.85 -3.66
N SER A 39 17.71 -17.78 -4.42
CA SER A 39 17.90 -19.14 -3.92
C SER A 39 18.50 -19.14 -2.49
N HIS A 40 19.50 -18.28 -2.24
CA HIS A 40 20.04 -18.05 -0.90
C HIS A 40 18.94 -17.67 0.10
N THR A 41 18.10 -16.72 -0.29
CA THR A 41 17.07 -16.17 0.57
C THR A 41 16.03 -17.27 0.86
N THR A 42 15.68 -18.04 -0.17
CA THR A 42 14.69 -19.13 -0.02
C THR A 42 15.24 -20.16 0.97
N SER A 43 16.54 -20.48 0.82
CA SER A 43 17.23 -21.38 1.73
C SER A 43 17.23 -20.83 3.18
N ALA A 44 17.52 -19.55 3.35
CA ALA A 44 17.58 -18.95 4.69
C ALA A 44 16.22 -19.01 5.38
N LYS A 46 13.80 -21.23 4.71
CA LYS A 46 13.54 -22.62 5.02
C LYS A 46 14.14 -22.97 6.38
N SER A 47 15.41 -22.61 6.58
CA SER A 47 16.12 -22.84 7.85
CA SER A 47 16.10 -22.87 7.83
C SER A 47 15.37 -22.20 9.01
N VAL A 48 14.87 -20.99 8.77
CA VAL A 48 14.13 -20.26 9.80
C VAL A 48 12.86 -21.05 10.17
N PHE A 49 12.03 -21.34 9.16
CA PHE A 49 10.76 -22.05 9.37
C PHE A 49 10.99 -23.40 10.09
N GLU A 50 12.06 -24.09 9.71
CA GLU A 50 12.36 -25.41 10.27
C GLU A 50 12.68 -25.33 11.76
N GLN A 51 13.30 -24.24 12.17
CA GLN A 51 13.75 -24.08 13.56
CA GLN A 51 13.76 -24.08 13.56
C GLN A 51 12.69 -23.43 14.44
N VAL A 52 11.60 -22.95 13.82
CA VAL A 52 10.52 -22.31 14.55
C VAL A 52 9.70 -23.33 15.29
N ASN A 53 9.48 -23.09 16.58
CA ASN A 53 8.75 -24.08 17.36
C ASN A 53 7.66 -23.45 18.24
N ALA A 54 7.49 -22.13 18.08
CA ALA A 54 6.49 -21.33 18.78
C ALA A 54 6.01 -20.18 17.89
N PRO A 55 4.84 -19.58 18.22
CA PRO A 55 4.39 -18.35 17.51
C PRO A 55 5.40 -17.20 17.60
N TYR A 56 6.04 -17.05 18.76
CA TYR A 56 7.07 -16.04 19.00
C TYR A 56 8.28 -16.64 19.76
N SER A 57 9.50 -16.18 19.44
CA SER A 57 10.70 -16.72 20.03
C SER A 57 10.78 -16.56 21.57
N GLY A 58 10.02 -15.60 22.12
CA GLY A 58 10.06 -15.29 23.54
C GLY A 58 11.22 -14.39 23.98
N ASP A 60 13.35 -11.28 24.97
CA ASP A 60 13.01 -10.03 25.64
C ASP A 60 12.86 -8.92 24.59
N PRO A 61 11.71 -8.23 24.55
CA PRO A 61 11.56 -7.20 23.52
C PRO A 61 12.63 -6.11 23.63
N LYS A 62 13.02 -5.74 24.85
CA LYS A 62 14.08 -4.73 25.00
C LYS A 62 15.42 -5.15 24.35
N ALA A 63 15.80 -6.42 24.55
CA ALA A 63 16.96 -7.04 23.92
C ALA A 63 16.86 -7.03 22.39
N LEU A 64 15.69 -7.41 21.87
CA LEU A 64 15.52 -7.43 20.42
C LEU A 64 15.61 -6.00 19.83
N GLU A 65 14.96 -5.05 20.48
CA GLU A 65 14.97 -3.66 20.02
C GLU A 65 16.39 -3.10 20.07
N ASP A 66 17.14 -3.45 21.12
CA ASP A 66 18.51 -2.96 21.27
C ASP A 66 19.37 -3.47 20.12
N ALA A 67 19.23 -4.77 19.82
CA ALA A 67 20.02 -5.44 18.78
C ALA A 67 19.73 -4.85 17.40
N ILE A 68 18.44 -4.64 17.13
CA ILE A 68 18.01 -3.95 15.90
C ILE A 68 18.56 -2.51 15.80
N ASN A 69 18.46 -1.73 16.86
CA ASN A 69 18.97 -0.35 16.87
C ASN A 69 20.48 -0.25 16.69
N ALA A 70 21.19 -1.29 17.10
CA ALA A 70 22.65 -1.32 17.02
C ALA A 70 23.12 -1.58 15.59
N VAL A 71 22.23 -2.02 14.71
CA VAL A 71 22.63 -2.32 13.32
C VAL A 71 23.20 -1.10 12.57
N ASP A 72 24.37 -1.28 11.93
CA ASP A 72 25.00 -0.24 11.11
C ASP A 72 24.37 -0.10 9.69
N LEU A 73 23.67 1.01 9.46
CA LEU A 73 23.07 1.31 8.13
C LEU A 73 23.94 2.31 7.31
N ASP A 74 25.19 2.51 7.73
CA ASP A 74 26.00 3.55 7.10
C ASP A 74 27.33 2.99 6.58
N ASN A 75 28.04 2.26 7.44
CA ASN A 75 29.42 1.84 7.19
C ASN A 75 29.58 0.33 7.17
N LYS A 76 28.45 -0.37 7.15
CA LYS A 76 28.47 -1.84 7.07
C LYS A 76 28.86 -2.25 5.66
N ASN A 77 28.03 -1.88 4.67
CA ASN A 77 28.27 -2.16 3.23
C ASN A 77 28.73 -3.60 2.96
N ALA A 78 27.99 -4.55 3.53
CA ALA A 78 28.32 -5.98 3.45
C ALA A 78 27.74 -6.67 2.21
N PRO A 79 28.31 -7.83 1.82
CA PRO A 79 27.75 -8.57 0.69
C PRO A 79 26.32 -8.98 1.00
N LEU A 80 25.50 -9.01 -0.05
CA LEU A 80 24.03 -9.14 0.13
C LEU A 80 23.69 -10.45 0.84
N LYS A 81 24.34 -11.54 0.47
CA LYS A 81 24.04 -12.81 1.11
C LYS A 81 24.28 -12.79 2.63
N SER A 82 25.32 -12.08 3.09
CA SER A 82 25.56 -12.00 4.55
C SER A 82 24.47 -11.15 5.25
N VAL A 83 24.02 -10.09 4.57
CA VAL A 83 22.96 -9.24 5.10
C VAL A 83 21.67 -10.05 5.22
N ILE A 84 21.41 -10.89 4.21
CA ILE A 84 20.29 -11.82 4.22
C ILE A 84 20.42 -12.76 5.43
N ASP A 85 21.64 -13.25 5.69
CA ASP A 85 21.88 -14.17 6.81
C ASP A 85 21.56 -13.49 8.13
N ASP A 86 22.05 -12.25 8.24
CA ASP A 86 21.86 -11.41 9.41
C ASP A 86 20.40 -11.10 9.68
N VAL A 87 19.64 -10.79 8.64
CA VAL A 87 18.19 -10.52 8.83
C VAL A 87 17.44 -11.79 9.16
N ALA A 88 17.80 -12.91 8.54
CA ALA A 88 17.16 -14.18 8.91
C ALA A 88 17.36 -14.41 10.41
N GLU A 89 18.59 -14.19 10.86
CA GLU A 89 18.96 -14.45 12.24
C GLU A 89 18.30 -13.55 13.26
N LEU A 90 18.25 -12.26 12.98
CA LEU A 90 17.78 -11.28 13.96
C LEU A 90 16.29 -10.92 13.77
N VAL A 91 15.90 -10.74 12.52
CA VAL A 91 14.57 -10.23 12.24
C VAL A 91 13.57 -11.41 12.11
N ALA A 92 13.87 -12.33 11.19
CA ALA A 92 12.95 -13.43 10.85
C ALA A 92 12.76 -14.36 12.03
N LYS A 93 13.88 -14.81 12.62
CA LYS A 93 13.83 -15.72 13.76
C LYS A 93 12.95 -15.18 14.92
N ASN A 94 12.87 -13.85 15.06
CA ASN A 94 12.14 -13.22 16.16
C ASN A 94 10.80 -12.58 15.77
N ALA A 95 10.26 -12.99 14.63
CA ALA A 95 8.99 -12.48 14.09
C ALA A 95 7.79 -13.21 14.71
N ILE A 96 6.59 -12.80 14.35
CA ILE A 96 5.39 -13.49 14.81
C ILE A 96 5.02 -14.48 13.70
N PHE A 97 5.03 -15.79 14.01
CA PHE A 97 4.76 -16.80 13.01
C PHE A 97 3.28 -17.21 12.90
N THR A 98 2.62 -16.61 11.91
CA THR A 98 1.20 -16.91 11.64
C THR A 98 1.02 -18.35 11.24
N GLN A 99 2.13 -19.00 10.84
CA GLN A 99 2.10 -20.40 10.41
C GLN A 99 2.06 -21.35 11.56
N HIS A 100 2.35 -20.87 12.77
CA HIS A 100 2.29 -21.72 13.94
C HIS A 100 0.85 -21.78 14.47
N PRO A 101 0.36 -22.98 14.81
CA PRO A 101 -1.03 -23.12 15.26
C PRO A 101 -1.43 -22.23 16.43
N ASP A 102 -0.47 -21.86 17.27
CA ASP A 102 -0.77 -21.12 18.50
C ASP A 102 -0.72 -19.61 18.27
N CYS A 103 -0.53 -19.22 17.01
CA CYS A 103 -0.73 -17.84 16.58
C CYS A 103 -2.16 -17.67 16.04
N ILE A 104 -3.05 -17.09 16.86
CA ILE A 104 -4.48 -17.28 16.64
C ILE A 104 -5.31 -16.14 17.21
N ALA A 105 -4.77 -14.91 17.16
CA ALA A 105 -5.38 -13.77 17.82
C ALA A 105 -6.29 -12.92 16.92
N HIS A 106 -5.77 -12.55 15.74
CA HIS A 106 -6.27 -11.42 14.94
C HIS A 106 -6.55 -11.82 13.51
N LEU A 107 -7.07 -10.87 12.73
CA LEU A 107 -7.27 -11.12 11.30
C LEU A 107 -5.96 -10.91 10.58
N HIS A 108 -5.02 -11.81 10.90
CA HIS A 108 -3.65 -11.75 10.45
C HIS A 108 -3.37 -13.16 9.91
N THR A 109 -3.34 -13.27 8.58
CA THR A 109 -3.51 -14.53 7.88
C THR A 109 -2.21 -15.26 7.57
N PRO A 110 -2.22 -16.60 7.75
CA PRO A 110 -1.07 -17.36 7.24
C PRO A 110 -1.17 -17.35 5.69
N PRO A 111 -0.08 -16.94 5.02
CA PRO A 111 -0.09 -16.71 3.56
C PRO A 111 -0.18 -17.99 2.70
N LEU A 112 -1.07 -17.93 1.72
CA LEU A 112 -1.24 -18.98 0.77
C LEU A 112 -0.01 -19.03 -0.12
N PRO A 114 0.38 -19.70 -3.32
CA PRO A 114 0.26 -18.93 -4.54
C PRO A 114 0.43 -17.42 -4.40
N ALA A 115 -0.01 -16.87 -3.27
CA ALA A 115 0.30 -15.45 -2.96
C ALA A 115 1.80 -15.22 -2.72
N VAL A 116 2.47 -16.12 -2.00
CA VAL A 116 3.92 -15.98 -1.78
C VAL A 116 4.71 -16.08 -3.11
N ALA A 117 4.38 -17.05 -3.97
CA ALA A 117 5.04 -17.17 -5.28
C ALA A 117 4.76 -15.89 -6.07
N ALA A 118 3.51 -15.41 -6.06
CA ALA A 118 3.15 -14.18 -6.78
C ALA A 118 4.02 -12.99 -6.34
N GLU A 119 4.32 -12.87 -5.05
CA GLU A 119 5.12 -11.75 -4.57
C GLU A 119 6.50 -11.74 -5.21
N ALA A 120 7.06 -12.93 -5.42
CA ALA A 120 8.38 -13.07 -6.09
C ALA A 120 8.38 -12.45 -7.49
N ILE A 122 5.96 -10.23 -8.57
CA ILE A 122 5.65 -8.81 -8.41
C ILE A 122 6.96 -8.05 -8.18
N ALA A 123 7.77 -8.54 -7.26
CA ALA A 123 8.98 -7.83 -6.83
C ALA A 123 10.00 -7.70 -7.99
N ALA A 124 10.08 -8.74 -8.81
CA ALA A 124 11.05 -8.82 -9.90
C ALA A 124 10.64 -7.95 -11.06
N LEU A 125 9.33 -7.89 -11.31
CA LEU A 125 8.83 -7.02 -12.40
C LEU A 125 8.69 -5.56 -11.96
N ASN A 126 8.38 -5.35 -10.69
CA ASN A 126 8.17 -4.00 -10.15
C ASN A 126 7.32 -3.11 -11.05
N GLN A 127 6.17 -3.63 -11.49
CA GLN A 127 5.19 -2.84 -12.26
C GLN A 127 4.53 -1.81 -11.35
N SER A 128 4.26 -0.65 -11.93
CA SER A 128 3.52 0.40 -11.29
C SER A 128 2.13 0.56 -11.94
N ASP A 130 -0.23 2.60 -12.03
CA ASP A 130 -0.91 3.84 -12.36
C ASP A 130 -1.05 4.08 -13.87
N SER A 131 -0.24 3.39 -14.68
CA SER A 131 -0.44 3.53 -16.10
C SER A 131 -0.07 2.26 -16.84
N TRP A 132 -0.66 2.11 -18.03
CA TRP A 132 -0.41 0.94 -18.87
C TRP A 132 1.07 0.84 -19.21
N ASP A 133 1.71 1.96 -19.59
CA ASP A 133 3.18 1.94 -19.90
C ASP A 133 4.14 1.71 -18.73
N GLN A 134 3.58 1.39 -17.55
CA GLN A 134 4.35 0.96 -16.38
C GLN A 134 3.86 -0.38 -15.88
N ALA A 135 2.86 -0.95 -16.55
CA ALA A 135 2.11 -2.11 -16.08
C ALA A 135 1.22 -2.66 -17.20
N SER A 136 1.85 -3.27 -18.20
CA SER A 136 1.18 -3.50 -19.46
C SER A 136 0.26 -4.72 -19.35
N SER A 137 0.84 -5.88 -19.05
CA SER A 137 0.04 -7.09 -18.79
C SER A 137 -0.68 -6.98 -17.43
N ALA A 138 -0.08 -6.26 -16.50
CA ALA A 138 -0.57 -6.16 -15.12
C ALA A 138 -1.91 -5.42 -15.09
N THR A 139 -2.04 -4.37 -15.90
CA THR A 139 -3.30 -3.60 -15.94
C THR A 139 -4.46 -4.53 -16.28
N TYR A 140 -4.24 -5.40 -17.26
CA TYR A 140 -5.31 -6.28 -17.70
C TYR A 140 -5.57 -7.38 -16.68
N VAL A 141 -4.51 -7.88 -16.01
CA VAL A 141 -4.65 -8.85 -14.92
C VAL A 141 -5.54 -8.27 -13.82
N GLU A 142 -5.21 -7.08 -13.34
CA GLU A 142 -6.04 -6.39 -12.34
C GLU A 142 -7.52 -6.27 -12.81
N GLN A 143 -7.75 -5.77 -14.04
CA GLN A 143 -9.13 -5.62 -14.50
C GLN A 143 -9.88 -6.98 -14.57
N LYS A 144 -9.19 -8.01 -15.03
CA LYS A 144 -9.72 -9.38 -15.11
C LYS A 144 -10.21 -9.84 -13.72
N VAL A 145 -9.34 -9.67 -12.71
CA VAL A 145 -9.63 -10.10 -11.33
C VAL A 145 -10.80 -9.28 -10.80
N VAL A 146 -10.78 -7.97 -11.09
CA VAL A 146 -11.87 -7.07 -10.67
C VAL A 146 -13.22 -7.54 -11.28
N ASN A 147 -13.20 -7.80 -12.59
CA ASN A 147 -14.40 -8.27 -13.30
C ASN A 147 -14.92 -9.56 -12.71
N TRP A 148 -14.00 -10.46 -12.39
CA TRP A 148 -14.32 -11.76 -11.77
C TRP A 148 -15.01 -11.51 -10.41
N LEU A 149 -14.43 -10.61 -9.63
CA LEU A 149 -14.96 -10.32 -8.28
C LEU A 149 -16.38 -9.78 -8.39
N CYS A 150 -16.59 -8.87 -9.32
CA CYS A 150 -17.92 -8.27 -9.53
C CYS A 150 -18.96 -9.36 -9.82
N ASP A 151 -18.58 -10.36 -10.63
CA ASP A 151 -19.41 -11.58 -10.84
C ASP A 151 -19.75 -12.36 -9.55
N LYS A 152 -18.71 -12.59 -8.75
CA LYS A 152 -18.83 -13.41 -7.56
C LYS A 152 -19.79 -12.77 -6.57
N TYR A 153 -19.83 -11.44 -6.54
CA TYR A 153 -20.72 -10.69 -5.63
C TYR A 153 -22.07 -10.36 -6.30
N ASP A 154 -22.25 -10.84 -7.53
CA ASP A 154 -23.55 -10.71 -8.26
C ASP A 154 -23.95 -9.24 -8.51
N LEU A 155 -22.96 -8.38 -8.77
CA LEU A 155 -23.21 -6.96 -8.98
C LEU A 155 -23.76 -6.70 -10.39
N SER A 156 -24.34 -5.51 -10.59
CA SER A 156 -24.98 -5.10 -11.88
C SER A 156 -24.03 -5.03 -13.06
N GLU A 157 -24.62 -4.83 -14.25
CA GLU A 157 -23.85 -4.68 -15.49
C GLU A 157 -22.88 -3.50 -15.40
N LYS A 158 -23.21 -2.50 -14.58
CA LYS A 158 -22.38 -1.30 -14.47
C LYS A 158 -21.25 -1.35 -13.44
N ALA A 159 -21.04 -2.51 -12.82
CA ALA A 159 -20.15 -2.56 -11.68
C ALA A 159 -18.67 -2.49 -12.12
N ASP A 160 -17.81 -2.07 -11.20
CA ASP A 160 -16.37 -2.05 -11.43
C ASP A 160 -15.68 -2.01 -10.07
N GLY A 161 -14.35 -1.97 -10.05
CA GLY A 161 -13.63 -1.96 -8.79
C GLY A 161 -12.20 -1.54 -9.05
N ILE A 162 -11.44 -1.40 -7.97
CA ILE A 162 -10.00 -1.23 -8.08
C ILE A 162 -9.36 -1.78 -6.84
N PHE A 163 -8.12 -2.22 -7.00
CA PHE A 163 -7.40 -2.75 -5.87
C PHE A 163 -6.86 -1.62 -5.03
N THR A 164 -6.89 -1.82 -3.71
CA THR A 164 -6.47 -0.82 -2.74
C THR A 164 -5.43 -1.48 -1.79
N SER A 165 -4.87 -0.71 -0.88
CA SER A 165 -3.98 -1.25 0.16
C SER A 165 -4.66 -2.13 1.23
N GLY A 166 -5.99 -2.13 1.29
CA GLY A 166 -6.68 -3.03 2.19
C GLY A 166 -7.93 -2.37 2.74
N GLY A 167 -8.50 -2.99 3.78
CA GLY A 167 -9.82 -2.65 4.28
C GLY A 167 -9.92 -1.21 4.73
N THR A 168 -8.84 -0.62 5.25
CA THR A 168 -8.91 0.78 5.73
C THR A 168 -9.08 1.73 4.55
N GLN A 169 -8.21 1.56 3.55
CA GLN A 169 -8.29 2.42 2.40
C GLN A 169 -9.60 2.19 1.65
N SER A 170 -10.05 0.93 1.62
CA SER A 170 -11.30 0.64 0.92
C SER A 170 -12.47 1.30 1.64
N ASN A 171 -12.55 1.15 2.97
CA ASN A 171 -13.57 1.87 3.75
C ASN A 171 -13.61 3.37 3.53
N GLN A 172 -12.43 3.99 3.58
CA GLN A 172 -12.29 5.41 3.43
C GLN A 172 -12.76 5.80 2.01
N GLY A 174 -14.84 4.08 -0.11
CA GLY A 174 -16.30 3.85 -0.25
C GLY A 174 -17.07 5.02 0.36
N LEU A 175 -16.69 5.42 1.56
CA LEU A 175 -17.39 6.51 2.25
C LEU A 175 -17.09 7.89 1.67
N LEU A 177 -16.57 8.31 -1.56
CA LEU A 177 -17.47 8.32 -2.75
C LEU A 177 -18.88 8.71 -2.32
N ALA A 178 -19.31 8.16 -1.19
CA ALA A 178 -20.67 8.46 -0.67
C ALA A 178 -20.81 9.95 -0.35
N ARG A 179 -19.78 10.51 0.26
CA ARG A 179 -19.73 11.92 0.64
C ARG A 179 -19.92 12.80 -0.62
N ASP A 180 -19.16 12.54 -1.68
CA ASP A 180 -19.25 13.34 -2.90
C ASP A 180 -20.59 13.06 -3.60
N TRP A 181 -21.06 11.82 -3.51
CA TRP A 181 -22.30 11.39 -4.18
C TRP A 181 -23.49 12.21 -3.62
N ILE A 182 -23.53 12.36 -2.29
CA ILE A 182 -24.70 12.98 -1.69
C ILE A 182 -24.69 14.49 -1.98
N ALA A 183 -23.51 15.16 -1.92
CA ALA A 183 -23.44 16.58 -2.29
C ALA A 183 -23.84 16.79 -3.76
N ASP A 184 -23.45 15.85 -4.61
CA ASP A 184 -23.84 15.96 -6.03
C ASP A 184 -25.36 15.79 -6.17
N LYS A 185 -25.90 14.82 -5.45
CA LYS A 185 -27.35 14.57 -5.51
C LYS A 185 -28.17 15.74 -4.93
N LEU A 186 -27.82 16.22 -3.73
CA LEU A 186 -28.63 17.28 -3.08
C LEU A 186 -28.57 18.68 -3.76
N SER A 187 -27.39 19.09 -4.23
CA SER A 187 -27.21 20.46 -4.72
C SER A 187 -26.27 20.54 -5.92
N GLY A 188 -26.03 19.41 -6.57
CA GLY A 188 -25.11 19.37 -7.72
C GLY A 188 -23.75 19.98 -7.37
N HIS A 189 -23.27 19.75 -6.15
CA HIS A 189 -22.11 20.43 -5.66
C HIS A 189 -20.90 19.49 -5.78
N SER A 190 -19.86 19.92 -6.53
CA SER A 190 -18.62 19.16 -6.63
C SER A 190 -17.72 19.37 -5.40
N ILE A 191 -17.72 18.40 -4.50
CA ILE A 191 -16.74 18.42 -3.37
C ILE A 191 -15.30 18.38 -3.90
N GLN A 192 -15.08 17.61 -4.98
CA GLN A 192 -13.79 17.60 -5.61
C GLN A 192 -13.28 19.01 -5.93
N LYS A 193 -14.12 19.83 -6.55
CA LYS A 193 -13.72 21.17 -7.00
C LYS A 193 -13.81 22.23 -5.91
N LEU A 194 -14.88 22.13 -5.09
CA LEU A 194 -15.26 23.20 -4.18
C LEU A 194 -15.05 22.95 -2.67
N GLY A 195 -14.75 21.70 -2.31
CA GLY A 195 -14.75 21.32 -0.89
C GLY A 195 -16.13 21.03 -0.34
N LEU A 196 -16.22 20.81 0.96
CA LEU A 196 -17.53 20.43 1.53
C LEU A 196 -18.57 21.53 1.32
N PRO A 197 -19.83 21.15 1.03
CA PRO A 197 -20.96 22.10 0.99
C PRO A 197 -21.27 22.72 2.37
N ASP A 198 -21.99 23.84 2.43
CA ASP A 198 -22.32 24.46 3.74
C ASP A 198 -23.19 23.60 4.66
N TYR A 199 -23.94 22.67 4.09
CA TYR A 199 -24.72 21.75 4.89
C TYR A 199 -23.94 20.51 5.37
N ALA A 200 -22.63 20.46 5.14
CA ALA A 200 -21.83 19.28 5.54
C ALA A 200 -21.96 18.91 7.03
N ASP A 201 -22.16 19.92 7.87
CA ASP A 201 -22.23 19.72 9.33
C ASP A 201 -23.43 18.83 9.72
N LYS A 202 -24.38 18.72 8.79
CA LYS A 202 -25.56 17.91 9.01
C LYS A 202 -25.39 16.46 8.56
N LEU A 203 -24.40 16.21 7.70
CA LEU A 203 -24.26 14.89 7.11
C LEU A 203 -23.94 13.84 8.18
N ARG A 204 -24.54 12.67 8.05
CA ARG A 204 -24.35 11.62 9.04
C ARG A 204 -24.16 10.25 8.36
N ILE A 205 -23.21 9.49 8.90
CA ILE A 205 -22.98 8.12 8.48
C ILE A 205 -23.51 7.22 9.62
N VAL A 206 -24.39 6.31 9.25
CA VAL A 206 -25.01 5.42 10.21
C VAL A 206 -24.21 4.10 10.25
N CYS A 207 -23.84 3.65 11.44
CA CYS A 207 -23.18 2.35 11.60
C CYS A 207 -23.54 1.74 12.96
N SER A 208 -23.08 0.52 13.22
CA SER A 208 -23.41 -0.14 14.48
C SER A 208 -22.28 0.17 15.46
N LYS A 209 -22.55 -0.05 16.75
CA LYS A 209 -21.50 0.04 17.76
C LYS A 209 -20.35 -0.95 17.54
N LYS A 210 -20.58 -2.01 16.76
CA LYS A 210 -19.52 -2.98 16.49
C LYS A 210 -18.84 -2.83 15.11
N SER A 211 -19.10 -1.72 14.39
CA SER A 211 -18.49 -1.51 13.07
C SER A 211 -17.01 -1.23 13.31
N HIS A 212 -16.17 -1.41 12.28
CA HIS A 212 -14.74 -1.11 12.40
C HIS A 212 -14.48 0.39 12.58
N PHE A 213 -13.52 0.73 13.45
CA PHE A 213 -13.31 2.13 13.81
CA PHE A 213 -13.23 2.10 13.83
C PHE A 213 -12.76 2.94 12.66
N THR A 214 -12.44 2.28 11.53
CA THR A 214 -12.09 3.03 10.33
C THR A 214 -13.33 3.80 9.78
N VAL A 215 -14.52 3.59 10.35
CA VAL A 215 -15.67 4.47 9.98
C VAL A 215 -15.49 5.87 10.59
N GLN A 216 -15.27 5.93 11.89
CA GLN A 216 -14.95 7.19 12.56
C GLN A 216 -13.67 7.80 11.95
N LYS A 217 -12.65 6.97 11.74
CA LYS A 217 -11.35 7.48 11.25
C LYS A 217 -11.54 7.99 9.82
N SER A 218 -12.38 7.30 9.06
CA SER A 218 -12.69 7.70 7.69
C SER A 218 -13.38 9.07 7.72
N ALA A 219 -14.35 9.21 8.62
CA ALA A 219 -15.06 10.49 8.72
C ALA A 219 -14.12 11.64 9.09
N SER A 220 -13.20 11.40 10.02
CA SER A 220 -12.19 12.41 10.42
C SER A 220 -11.28 12.78 9.22
N TRP A 221 -10.85 11.78 8.47
CA TRP A 221 -9.96 12.06 7.36
C TRP A 221 -10.64 12.92 6.29
N GLY A 223 -13.07 15.06 6.48
CA GLY A 223 -13.47 16.41 6.87
C GLY A 223 -14.81 16.48 7.64
N LEU A 224 -15.44 15.35 7.93
CA LEU A 224 -16.75 15.36 8.59
C LEU A 224 -16.64 15.25 10.09
N GLY A 225 -15.58 14.60 10.56
CA GLY A 225 -15.32 14.45 12.01
C GLY A 225 -16.07 13.28 12.62
N GLU A 226 -15.61 12.87 13.80
CA GLU A 226 -16.25 11.75 14.50
C GLU A 226 -17.73 12.06 14.74
N LYS A 227 -18.09 13.35 14.91
CA LYS A 227 -19.50 13.75 15.18
C LYS A 227 -20.48 13.43 14.03
N ALA A 228 -19.91 13.16 12.85
CA ALA A 228 -20.72 12.78 11.68
C ALA A 228 -21.19 11.30 11.79
N VAL A 229 -20.61 10.53 12.70
CA VAL A 229 -20.97 9.10 12.78
C VAL A 229 -22.08 8.92 13.79
N THR A 231 -24.22 6.17 15.66
CA THR A 231 -24.14 4.74 15.91
C THR A 231 -25.51 4.18 16.29
N VAL A 232 -25.75 2.94 15.93
CA VAL A 232 -26.98 2.24 16.28
C VAL A 232 -26.59 1.09 17.20
N ASP A 233 -27.44 0.78 18.18
CA ASP A 233 -27.17 -0.31 19.10
C ASP A 233 -26.93 -1.61 18.34
N ALA A 234 -26.04 -2.43 18.88
CA ALA A 234 -25.80 -3.77 18.43
C ALA A 234 -26.53 -4.79 19.32
N ASN A 235 -26.97 -5.87 18.69
CA ASN A 235 -27.45 -7.01 19.42
C ASN A 235 -26.29 -7.62 20.20
N ALA A 236 -26.61 -8.51 21.15
CA ALA A 236 -25.60 -9.23 21.92
C ALA A 236 -24.68 -10.07 21.02
N ASP A 237 -25.22 -10.68 19.96
CA ASP A 237 -24.40 -11.43 19.01
C ASP A 237 -23.47 -10.57 18.12
N GLY A 238 -23.49 -9.26 18.32
CA GLY A 238 -22.62 -8.34 17.56
C GLY A 238 -23.23 -7.69 16.31
N THR A 239 -24.37 -8.22 15.83
CA THR A 239 -25.06 -7.65 14.65
C THR A 239 -25.75 -6.30 14.99
N ASP A 241 -28.57 -3.77 15.67
CA ASP A 241 -30.00 -3.90 16.05
C ASP A 241 -30.93 -3.16 15.08
N ILE A 242 -31.57 -3.88 14.14
CA ILE A 242 -32.42 -3.21 13.12
C ILE A 242 -33.80 -2.77 13.66
N THR A 243 -34.11 -3.17 14.90
CA THR A 243 -35.34 -2.80 15.62
C THR A 243 -35.65 -1.33 15.61
N LYS A 244 -34.67 -0.49 15.89
CA LYS A 244 -34.97 0.96 15.90
C LYS A 244 -34.26 1.76 14.79
N LEU A 245 -33.81 1.07 13.74
CA LEU A 245 -32.93 1.67 12.80
C LEU A 245 -33.76 2.67 12.04
N ASP A 246 -34.95 2.26 11.59
CA ASP A 246 -35.82 3.18 10.85
C ASP A 246 -36.13 4.43 11.67
N GLU A 247 -36.48 4.28 12.96
CA GLU A 247 -36.84 5.43 13.80
C GLU A 247 -35.63 6.37 14.11
N VAL A 248 -34.43 5.80 14.29
CA VAL A 248 -33.19 6.58 14.48
C VAL A 248 -32.94 7.47 13.25
N ILE A 249 -33.07 6.90 12.06
CA ILE A 249 -32.89 7.66 10.84
C ILE A 249 -34.00 8.71 10.71
N ALA A 250 -35.27 8.30 10.94
CA ALA A 250 -36.39 9.24 10.79
C ALA A 250 -36.20 10.43 11.71
N GLN A 251 -35.79 10.16 12.95
CA GLN A 251 -35.58 11.20 13.96
CA GLN A 251 -35.61 11.23 13.92
C GLN A 251 -34.44 12.15 13.59
N ALA A 252 -33.35 11.58 13.06
CA ALA A 252 -32.22 12.40 12.58
C ALA A 252 -32.73 13.35 11.53
N LYS A 253 -33.47 12.83 10.56
CA LYS A 253 -34.01 13.72 9.50
C LYS A 253 -34.98 14.78 10.03
N ALA A 254 -35.78 14.36 11.02
CA ALA A 254 -36.71 15.27 11.69
C ALA A 254 -36.00 16.44 12.42
N GLU A 255 -34.81 16.17 12.95
CA GLU A 255 -33.95 17.22 13.53
C GLU A 255 -33.14 18.09 12.53
N GLY A 256 -33.30 17.88 11.22
CA GLY A 256 -32.52 18.62 10.22
C GLY A 256 -31.20 17.94 9.81
N LEU A 257 -30.90 16.78 10.39
CA LEU A 257 -29.73 15.98 9.95
C LEU A 257 -29.98 15.25 8.60
N ILE A 258 -28.88 14.88 7.94
CA ILE A 258 -28.91 14.32 6.59
C ILE A 258 -28.13 12.96 6.64
N PRO A 259 -28.81 11.87 7.08
CA PRO A 259 -28.16 10.55 7.01
C PRO A 259 -27.95 10.23 5.51
N PHE A 260 -26.71 10.08 5.07
CA PHE A 260 -26.45 9.88 3.64
C PHE A 260 -25.77 8.56 3.32
N ALA A 261 -25.22 7.91 4.36
CA ALA A 261 -24.57 6.64 4.14
C ALA A 261 -24.77 5.71 5.33
N ILE A 262 -24.73 4.43 5.03
CA ILE A 262 -24.93 3.44 6.13
C ILE A 262 -23.93 2.32 5.93
N VAL A 263 -23.26 1.91 7.00
CA VAL A 263 -22.30 0.85 6.86
C VAL A 263 -22.88 -0.47 7.36
N GLY A 264 -22.96 -1.47 6.46
CA GLY A 264 -23.31 -2.83 6.86
C GLY A 264 -22.03 -3.63 7.07
N THR A 265 -21.86 -4.27 8.22
CA THR A 265 -20.54 -4.95 8.44
C THR A 265 -20.76 -6.46 8.19
N ALA A 266 -20.02 -7.05 7.26
CA ALA A 266 -20.07 -8.48 6.99
C ALA A 266 -18.87 -9.13 7.64
N GLY A 267 -18.99 -9.35 8.94
CA GLY A 267 -17.94 -9.97 9.75
C GLY A 267 -17.29 -8.94 10.69
N THR A 268 -17.90 -8.68 11.85
CA THR A 268 -17.31 -7.74 12.84
C THR A 268 -15.99 -8.33 13.41
N THR A 269 -15.14 -7.47 13.98
CA THR A 269 -13.76 -7.88 14.33
C THR A 269 -13.73 -8.93 15.45
N ASP A 270 -14.55 -8.74 16.48
CA ASP A 270 -14.58 -9.65 17.62
C ASP A 270 -15.54 -10.83 17.50
N HIS A 271 -16.79 -10.55 17.11
CA HIS A 271 -17.82 -11.58 17.00
C HIS A 271 -17.85 -12.32 15.68
N GLY A 272 -17.41 -11.66 14.60
CA GLY A 272 -17.66 -12.24 13.27
C GLY A 272 -19.12 -12.15 12.85
N ALA A 273 -19.91 -11.30 13.52
CA ALA A 273 -21.31 -11.10 13.19
C ALA A 273 -21.46 -10.43 11.79
N ILE A 274 -22.54 -10.83 11.11
CA ILE A 274 -22.88 -10.29 9.78
C ILE A 274 -24.22 -9.56 9.91
N ASP A 275 -24.18 -8.24 9.77
CA ASP A 275 -25.38 -7.41 9.79
C ASP A 275 -26.39 -7.94 8.76
N ASP A 276 -27.67 -7.63 8.98
CA ASP A 276 -28.70 -7.88 8.03
C ASP A 276 -28.58 -6.88 6.85
N LEU A 277 -27.73 -7.25 5.90
CA LEU A 277 -27.36 -6.40 4.79
C LEU A 277 -28.57 -6.10 3.89
N ASP A 278 -29.48 -7.06 3.75
CA ASP A 278 -30.68 -6.82 2.94
C ASP A 278 -31.59 -5.76 3.53
N PHE A 279 -31.81 -5.81 4.83
CA PHE A 279 -32.62 -4.74 5.47
C PHE A 279 -31.93 -3.37 5.44
N ILE A 280 -30.61 -3.37 5.62
CA ILE A 280 -29.85 -2.13 5.55
C ILE A 280 -30.03 -1.57 4.12
N ALA A 281 -29.99 -2.45 3.13
CA ALA A 281 -30.14 -2.04 1.73
C ALA A 281 -31.52 -1.44 1.53
N ASP A 282 -32.52 -2.00 2.20
CA ASP A 282 -33.88 -1.47 2.09
C ASP A 282 -34.00 -0.14 2.77
N ALA A 284 -31.52 2.03 2.88
CA ALA A 284 -30.84 2.89 1.94
C ALA A 284 -31.78 3.26 0.78
N VAL A 285 -32.62 2.33 0.30
CA VAL A 285 -33.63 2.69 -0.73
C VAL A 285 -34.64 3.69 -0.13
N LYS A 286 -35.20 3.39 1.05
CA LYS A 286 -36.24 4.23 1.66
C LYS A 286 -35.75 5.64 1.94
N HIS A 287 -34.55 5.73 2.52
CA HIS A 287 -33.94 6.99 3.01
C HIS A 287 -32.96 7.62 2.04
N ASP A 288 -32.84 7.06 0.83
CA ASP A 288 -31.99 7.63 -0.20
C ASP A 288 -30.54 7.77 0.25
N TRP A 290 -26.41 5.85 0.54
CA TRP A 290 -25.37 4.94 0.04
C TRP A 290 -25.10 3.84 1.08
N HIS A 292 -22.62 1.11 2.14
CA HIS A 292 -21.24 0.60 2.00
C HIS A 292 -21.18 -0.67 2.81
N VAL A 293 -20.74 -1.77 2.18
CA VAL A 293 -20.59 -3.05 2.91
C VAL A 293 -19.12 -3.24 3.31
N ASP A 294 -18.83 -3.27 4.61
CA ASP A 294 -17.48 -3.57 5.03
C ASP A 294 -17.33 -5.11 5.11
N GLY A 295 -16.84 -5.72 4.03
CA GLY A 295 -16.68 -7.16 4.10
C GLY A 295 -15.26 -7.61 4.26
N ALA A 296 -14.44 -6.79 4.93
CA ALA A 296 -13.02 -7.07 5.08
C ALA A 296 -12.81 -8.48 5.64
N TYR A 297 -13.58 -8.85 6.66
CA TYR A 297 -13.56 -10.19 7.23
C TYR A 297 -14.44 -11.23 6.47
N GLY A 298 -15.76 -11.08 6.52
CA GLY A 298 -16.69 -12.11 6.06
C GLY A 298 -17.07 -12.07 4.59
N GLY A 299 -16.49 -11.12 3.87
CA GLY A 299 -16.69 -11.05 2.41
C GLY A 299 -16.29 -12.36 1.77
N ALA A 300 -15.30 -13.06 2.35
CA ALA A 300 -14.82 -14.35 1.80
C ALA A 300 -15.91 -15.42 1.73
N LEU A 301 -16.92 -15.30 2.57
CA LEU A 301 -17.99 -16.31 2.59
C LEU A 301 -18.81 -16.36 1.29
N ILE A 302 -18.65 -15.34 0.44
CA ILE A 302 -19.24 -15.36 -0.90
C ILE A 302 -18.88 -16.66 -1.66
N LEU A 303 -17.74 -17.27 -1.33
CA LEU A 303 -17.27 -18.47 -2.03
C LEU A 303 -17.68 -19.78 -1.35
N SER A 304 -18.31 -19.67 -0.19
CA SER A 304 -18.63 -20.82 0.64
C SER A 304 -20.10 -21.23 0.56
N SER A 305 -20.43 -22.26 1.33
CA SER A 305 -21.82 -22.76 1.46
C SER A 305 -22.70 -21.80 2.25
N HIS A 306 -22.08 -20.75 2.76
CA HIS A 306 -22.77 -19.80 3.65
C HIS A 306 -22.95 -18.43 2.99
N LYS A 307 -22.76 -18.42 1.67
CA LYS A 307 -23.01 -17.24 0.84
C LYS A 307 -24.32 -16.52 1.20
N SER A 308 -25.37 -17.30 1.47
CA SER A 308 -26.68 -16.75 1.88
C SER A 308 -26.65 -15.73 3.03
N ARG A 309 -25.69 -15.86 3.93
CA ARG A 309 -25.58 -14.90 5.03
C ARG A 309 -25.25 -13.46 4.63
N LEU A 310 -24.68 -13.31 3.44
CA LEU A 310 -24.31 -12.02 2.85
C LEU A 310 -25.46 -11.48 1.97
N LYS A 311 -26.62 -12.16 1.96
CA LYS A 311 -27.77 -11.70 1.18
C LYS A 311 -27.98 -10.19 1.32
N GLY A 312 -28.06 -9.44 0.20
CA GLY A 312 -28.10 -7.97 0.28
C GLY A 312 -26.79 -7.34 -0.15
N VAL A 313 -25.69 -8.08 0.00
CA VAL A 313 -24.37 -7.59 -0.47
C VAL A 313 -24.45 -7.24 -1.95
N GLU A 314 -25.22 -8.01 -2.73
CA GLU A 314 -25.27 -7.68 -4.18
C GLU A 314 -25.90 -6.32 -4.55
N ARG A 315 -26.58 -5.69 -3.60
CA ARG A 315 -27.26 -4.40 -3.79
C ARG A 315 -26.47 -3.18 -3.27
N ALA A 316 -25.29 -3.44 -2.66
CA ALA A 316 -24.45 -2.39 -2.07
C ALA A 316 -24.07 -1.33 -3.09
N HIS A 317 -23.97 -0.09 -2.66
CA HIS A 317 -23.32 0.90 -3.51
C HIS A 317 -21.83 0.64 -3.61
N SER A 318 -21.22 0.23 -2.48
CA SER A 318 -19.79 -0.09 -2.48
C SER A 318 -19.53 -1.25 -1.52
N ILE A 319 -18.48 -2.02 -1.81
CA ILE A 319 -18.09 -3.16 -1.00
C ILE A 319 -16.58 -3.19 -0.86
N SER A 320 -16.12 -3.24 0.38
CA SER A 320 -14.70 -3.54 0.57
C SER A 320 -14.43 -5.02 0.87
N VAL A 321 -13.40 -5.53 0.23
CA VAL A 321 -13.02 -6.95 0.25
C VAL A 321 -11.52 -6.95 0.63
N ASP A 322 -11.17 -7.65 1.71
CA ASP A 322 -9.77 -7.79 2.10
C ASP A 322 -9.27 -9.18 1.85
N PHE A 323 -8.47 -9.36 0.79
CA PHE A 323 -7.92 -10.66 0.46
C PHE A 323 -6.84 -11.12 1.44
N HIS A 324 -6.20 -10.17 2.12
CA HIS A 324 -5.17 -10.52 3.05
C HIS A 324 -5.73 -10.86 4.40
N LYS A 325 -7.05 -11.05 4.47
CA LYS A 325 -7.64 -11.67 5.63
C LYS A 325 -8.00 -13.14 5.28
N LEU A 326 -9.27 -13.43 5.08
CA LEU A 326 -9.69 -14.81 4.97
C LEU A 326 -9.42 -15.43 3.60
N PHE A 327 -9.01 -14.61 2.63
CA PHE A 327 -8.54 -15.17 1.32
C PHE A 327 -7.06 -15.60 1.34
N TYR A 328 -6.40 -15.40 2.47
CA TYR A 328 -5.00 -15.84 2.70
C TYR A 328 -3.90 -15.22 1.83
N GLN A 329 -4.21 -14.09 1.18
CA GLN A 329 -3.22 -13.38 0.39
C GLN A 329 -2.25 -12.63 1.32
N THR A 330 -1.01 -12.43 0.88
CA THR A 330 -0.08 -11.58 1.63
C THR A 330 -0.52 -10.09 1.66
N ILE A 331 -0.25 -9.43 2.79
CA ILE A 331 -0.45 -7.96 2.85
C ILE A 331 0.42 -7.26 1.81
N SER A 332 -0.07 -6.25 1.04
CA SER A 332 -1.47 -5.78 0.93
C SER A 332 -2.20 -6.48 -0.20
N CYS A 333 -3.51 -6.63 -0.04
CA CYS A 333 -4.31 -7.19 -1.12
C CYS A 333 -5.74 -6.90 -0.70
N GLY A 334 -6.30 -5.81 -1.20
CA GLY A 334 -7.74 -5.52 -0.94
C GLY A 334 -8.33 -4.87 -2.18
N ALA A 335 -9.65 -4.72 -2.23
CA ALA A 335 -10.26 -3.96 -3.37
C ALA A 335 -11.51 -3.30 -2.87
N LEU A 336 -11.95 -2.32 -3.63
CA LEU A 336 -13.22 -1.71 -3.42
C LEU A 336 -14.03 -1.92 -4.67
N LEU A 337 -15.21 -2.51 -4.51
CA LEU A 337 -16.11 -2.72 -5.64
C LEU A 337 -17.25 -1.72 -5.56
N VAL A 338 -17.70 -1.30 -6.71
CA VAL A 338 -18.87 -0.45 -6.78
C VAL A 338 -19.91 -1.00 -7.77
N ASN A 339 -21.18 -0.85 -7.43
CA ASN A 339 -22.24 -1.32 -8.28
C ASN A 339 -22.41 -0.48 -9.54
N ASP A 340 -22.02 0.79 -9.46
CA ASP A 340 -22.17 1.69 -10.65
C ASP A 340 -20.87 2.45 -10.86
N LYS A 341 -20.07 2.01 -11.80
CA LYS A 341 -18.76 2.65 -12.06
C LYS A 341 -18.82 4.16 -12.35
N SER A 342 -20.01 4.67 -12.69
CA SER A 342 -20.15 6.11 -12.89
C SER A 342 -19.80 6.88 -11.59
N ASN A 343 -19.96 6.21 -10.44
CA ASN A 343 -19.60 6.81 -9.19
C ASN A 343 -18.08 7.08 -9.02
N PHE A 344 -17.24 6.37 -9.76
CA PHE A 344 -15.79 6.64 -9.79
C PHE A 344 -15.46 8.03 -10.40
N LYS A 345 -16.42 8.65 -11.08
CA LYS A 345 -16.25 9.97 -11.71
C LYS A 345 -15.84 11.02 -10.67
N PHE A 346 -16.26 10.84 -9.42
CA PHE A 346 -15.88 11.74 -8.32
C PHE A 346 -14.38 11.75 -8.00
N LEU A 347 -13.70 10.67 -8.35
CA LEU A 347 -12.26 10.47 -8.07
C LEU A 347 -11.35 11.05 -9.11
N LEU A 348 -11.93 11.55 -10.19
CA LEU A 348 -11.23 11.70 -11.45
C LEU A 348 -10.98 13.18 -11.76
N HIS A 349 -9.69 13.57 -11.76
CA HIS A 349 -9.29 14.98 -11.89
C HIS A 349 -8.60 15.30 -13.22
N ALA A 370 -4.46 6.09 -4.82
CA ALA A 370 -2.97 6.11 -4.92
C ALA A 370 -2.45 6.50 -6.33
N THR A 371 -1.13 6.64 -6.44
CA THR A 371 -0.50 6.77 -7.75
C THR A 371 0.30 5.49 -7.88
N THR A 372 1.61 5.60 -7.86
CA THR A 372 2.47 4.44 -7.73
C THR A 372 1.78 3.36 -6.88
N LYS A 373 1.24 2.34 -7.54
CA LYS A 373 0.68 1.24 -6.75
C LYS A 373 1.15 -0.12 -7.28
N ARG A 374 1.24 -1.07 -6.35
CA ARG A 374 1.87 -2.34 -6.65
C ARG A 374 0.88 -3.35 -7.22
N PHE A 375 1.44 -4.34 -7.89
CA PHE A 375 0.68 -5.34 -8.64
C PHE A 375 0.14 -6.44 -7.70
N ASP A 376 -0.59 -6.04 -6.66
CA ASP A 376 -1.15 -7.03 -5.74
C ASP A 376 -2.19 -8.03 -6.37
N ALA A 377 -2.83 -7.60 -7.45
CA ALA A 377 -3.92 -8.38 -8.05
C ALA A 377 -3.35 -9.69 -8.59
N LEU A 378 -2.02 -9.76 -8.76
CA LEU A 378 -1.38 -10.98 -9.31
C LEU A 378 -1.60 -12.12 -8.33
N LYS A 379 -1.56 -11.81 -7.03
CA LYS A 379 -1.78 -12.78 -5.99
C LYS A 379 -3.14 -13.49 -6.19
N VAL A 380 -4.22 -12.73 -6.35
CA VAL A 380 -5.55 -13.34 -6.49
C VAL A 380 -5.61 -14.07 -7.85
N PHE A 381 -5.03 -13.48 -8.89
CA PHE A 381 -5.07 -14.06 -10.24
C PHE A 381 -4.43 -15.45 -10.18
N THR A 383 -3.76 -17.29 -7.30
CA THR A 383 -4.48 -18.07 -6.30
C THR A 383 -5.74 -18.77 -6.87
N GLN A 385 -6.37 -19.57 -10.02
CA GLN A 385 -5.97 -20.59 -10.99
C GLN A 385 -5.49 -21.88 -10.35
N ASN A 386 -4.93 -21.75 -9.16
CA ASN A 386 -4.20 -22.80 -8.45
C ASN A 386 -5.09 -23.50 -7.40
N VAL A 387 -5.35 -22.81 -6.29
CA VAL A 387 -6.30 -23.25 -5.26
C VAL A 387 -7.76 -23.23 -5.78
N GLY A 388 -8.16 -22.10 -6.37
CA GLY A 388 -9.52 -21.94 -6.89
C GLY A 388 -10.59 -21.65 -5.85
N PRO A 389 -11.71 -21.07 -6.27
CA PRO A 389 -12.73 -20.54 -5.34
C PRO A 389 -13.44 -21.63 -4.54
N LYS A 390 -13.70 -22.78 -5.18
CA LYS A 390 -14.42 -23.87 -4.51
C LYS A 390 -13.59 -24.37 -3.31
N ALA A 391 -12.28 -24.58 -3.51
CA ALA A 391 -11.41 -25.05 -2.42
C ALA A 391 -11.40 -24.05 -1.27
N LEU A 392 -11.28 -22.75 -1.60
CA LEU A 392 -11.40 -21.70 -0.55
C LEU A 392 -12.79 -21.79 0.12
N GLY A 393 -13.84 -21.96 -0.67
CA GLY A 393 -15.18 -22.14 -0.13
C GLY A 393 -15.22 -23.29 0.86
N ASP A 394 -14.64 -24.40 0.46
CA ASP A 394 -14.57 -25.59 1.34
C ASP A 394 -13.80 -25.33 2.66
N TYR A 396 -13.68 -22.51 4.18
CA TYR A 396 -14.49 -21.62 5.02
C TYR A 396 -15.61 -22.40 5.68
N ASP A 397 -16.24 -23.32 4.94
CA ASP A 397 -17.23 -24.27 5.52
C ASP A 397 -16.62 -24.98 6.73
N HIS A 398 -15.40 -25.48 6.54
CA HIS A 398 -14.62 -26.12 7.61
C HIS A 398 -14.40 -25.22 8.85
N LEU A 399 -13.99 -23.99 8.59
CA LEU A 399 -13.65 -23.07 9.63
C LEU A 399 -14.88 -22.78 10.45
N LEU A 400 -16.04 -22.60 9.81
CA LEU A 400 -17.28 -22.30 10.54
C LEU A 400 -17.69 -23.49 11.38
N ALA A 401 -17.55 -24.69 10.82
CA ALA A 401 -17.88 -25.89 11.60
C ALA A 401 -16.93 -26.05 12.79
N GLN A 402 -15.63 -25.85 12.56
CA GLN A 402 -14.62 -26.06 13.61
C GLN A 402 -14.77 -25.06 14.74
N THR A 403 -15.09 -23.82 14.38
CA THR A 403 -15.31 -22.80 15.38
C THR A 403 -16.44 -23.23 16.34
N LEU A 404 -17.51 -23.85 15.81
CA LEU A 404 -18.62 -24.30 16.64
C LEU A 404 -18.14 -25.42 17.56
N GLU A 405 -17.28 -26.27 17.01
CA GLU A 405 -16.70 -27.38 17.77
C GLU A 405 -15.80 -26.92 18.92
N VAL A 406 -14.98 -25.90 18.66
CA VAL A 406 -14.12 -25.28 19.69
C VAL A 406 -14.96 -24.60 20.77
N ALA A 407 -15.98 -23.84 20.37
CA ALA A 407 -16.92 -23.26 21.34
C ALA A 407 -17.49 -24.36 22.23
N ASP A 408 -17.92 -25.48 21.64
CA ASP A 408 -18.44 -26.62 22.43
C ASP A 408 -17.41 -27.19 23.40
N ILE A 410 -14.96 -25.59 24.76
CA ILE A 410 -14.81 -24.62 25.87
C ILE A 410 -16.01 -24.70 26.84
N ARG A 411 -17.20 -24.88 26.27
CA ARG A 411 -18.46 -24.95 27.01
C ARG A 411 -18.45 -26.05 28.07
N THR A 412 -17.83 -27.19 27.74
CA THR A 412 -17.86 -28.38 28.60
C THR A 412 -16.59 -28.54 29.44
N ASN A 413 -15.74 -27.51 29.38
CA ASN A 413 -14.51 -27.44 30.16
C ASN A 413 -14.68 -26.45 31.29
N ASP A 414 -14.68 -27.00 32.51
CA ASP A 414 -14.91 -26.24 33.76
C ASP A 414 -13.83 -25.18 34.03
N GLN A 415 -12.68 -25.29 33.34
CA GLN A 415 -11.56 -24.35 33.51
C GLN A 415 -11.74 -23.03 32.74
N PHE A 416 -12.76 -22.97 31.88
CA PHE A 416 -13.02 -21.81 31.04
C PHE A 416 -14.51 -21.47 31.07
N GLU A 417 -14.83 -20.28 30.60
CA GLU A 417 -16.20 -19.86 30.42
C GLU A 417 -16.36 -19.28 29.01
N LEU A 418 -17.26 -19.87 28.24
CA LEU A 418 -17.57 -19.38 26.93
C LEU A 418 -18.36 -18.05 27.07
N LEU A 419 -17.92 -16.99 26.38
CA LEU A 419 -18.57 -15.67 26.48
C LEU A 419 -19.52 -15.22 25.31
N ALA A 420 -19.50 -15.95 24.20
CA ALA A 420 -20.42 -15.69 23.08
C ALA A 420 -20.57 -16.92 22.21
N GLU A 421 -21.72 -17.05 21.55
CA GLU A 421 -21.89 -18.14 20.62
C GLU A 421 -21.28 -17.62 19.34
N PRO A 422 -20.42 -18.43 18.68
CA PRO A 422 -19.70 -17.89 17.51
C PRO A 422 -20.61 -17.61 16.33
N SER A 423 -20.20 -16.68 15.46
CA SER A 423 -20.95 -16.32 14.26
C SER A 423 -20.13 -16.53 13.00
N LEU A 424 -18.82 -16.60 13.15
CA LEU A 424 -17.97 -16.82 11.99
C LEU A 424 -16.82 -17.73 12.40
N SER A 425 -15.63 -17.18 12.51
CA SER A 425 -14.48 -18.02 12.95
C SER A 425 -13.77 -17.50 14.21
N THR A 426 -14.45 -16.63 14.96
CA THR A 426 -13.91 -16.18 16.25
C THR A 426 -14.56 -16.93 17.44
N VAL A 427 -13.79 -17.05 18.52
CA VAL A 427 -14.32 -17.61 19.75
C VAL A 427 -13.94 -16.68 20.90
N LEU A 428 -14.92 -16.35 21.74
CA LEU A 428 -14.77 -15.43 22.83
C LEU A 428 -15.02 -16.15 24.16
N PHE A 429 -14.01 -16.12 25.02
CA PHE A 429 -14.03 -16.92 26.24
C PHE A 429 -13.03 -16.38 27.23
N ARG A 430 -12.97 -16.98 28.40
CA ARG A 430 -12.03 -16.52 29.40
C ARG A 430 -11.69 -17.70 30.28
N ALA A 431 -10.49 -17.66 30.89
CA ALA A 431 -10.16 -18.57 31.98
C ALA A 431 -11.04 -18.23 33.19
N THR A 432 -11.50 -19.26 33.88
CA THR A 432 -12.38 -19.05 35.03
C THR A 432 -11.73 -19.58 36.33
N HIS A 433 -12.22 -19.10 37.48
CA HIS A 433 -11.71 -19.48 38.82
C HIS A 433 -12.77 -19.04 39.84
N GLU A 434 -12.96 -19.80 40.92
CA GLU A 434 -14.01 -19.52 41.93
C GLU A 434 -13.83 -18.22 42.74
N THR A 435 -12.59 -17.74 42.87
CA THR A 435 -12.32 -16.54 43.69
C THR A 435 -11.43 -15.46 43.03
N ALA A 436 -10.39 -15.86 42.29
CA ALA A 436 -9.50 -14.93 41.56
C ALA A 436 -10.24 -13.84 40.78
N ASP A 437 -9.61 -12.66 40.67
CA ASP A 437 -10.11 -11.61 39.80
C ASP A 437 -9.89 -12.09 38.36
N LEU A 438 -10.98 -12.29 37.62
CA LEU A 438 -10.89 -12.81 36.26
C LEU A 438 -10.41 -11.79 35.26
N ASP A 439 -10.86 -10.54 35.40
CA ASP A 439 -10.38 -9.48 34.52
C ASP A 439 -8.86 -9.39 34.63
N GLU A 440 -8.36 -9.50 35.85
CA GLU A 440 -6.94 -9.40 36.12
C GLU A 440 -6.21 -10.63 35.58
N LEU A 441 -6.79 -11.81 35.84
CA LEU A 441 -6.20 -13.09 35.46
C LEU A 441 -6.09 -13.21 33.95
N ASN A 442 -7.18 -12.91 33.25
CA ASN A 442 -7.17 -13.03 31.79
C ASN A 442 -6.32 -11.99 31.06
N LYS A 443 -6.26 -10.78 31.60
CA LYS A 443 -5.29 -9.81 31.10
C LYS A 443 -3.84 -10.29 31.22
N ALA A 444 -3.50 -10.81 32.39
CA ALA A 444 -2.14 -11.19 32.66
C ALA A 444 -1.78 -12.42 31.81
N LEU A 445 -2.69 -13.39 31.70
CA LEU A 445 -2.34 -14.57 30.94
C LEU A 445 -2.19 -14.26 29.43
N ARG A 446 -2.99 -13.34 28.91
CA ARG A 446 -2.81 -12.97 27.51
C ARG A 446 -1.43 -12.38 27.21
N LEU A 447 -1.00 -11.40 28.03
CA LEU A 447 0.30 -10.78 27.83
C LEU A 447 1.48 -11.75 28.09
N GLU A 448 1.37 -12.55 29.15
CA GLU A 448 2.37 -13.59 29.43
C GLU A 448 2.49 -14.66 28.33
N ALA A 449 1.36 -15.12 27.80
CA ALA A 449 1.41 -16.07 26.70
C ALA A 449 2.14 -15.46 25.49
N LEU A 450 1.87 -14.19 25.21
CA LEU A 450 2.57 -13.47 24.12
C LEU A 450 4.10 -13.33 24.35
N THR A 451 4.47 -12.77 25.50
CA THR A 451 5.88 -12.49 25.77
C THR A 451 6.76 -13.75 26.01
N ARG A 452 6.14 -14.83 26.45
CA ARG A 452 6.88 -16.10 26.48
C ARG A 452 6.87 -16.80 25.12
N GLY A 453 5.99 -16.34 24.23
CA GLY A 453 5.85 -16.92 22.89
C GLY A 453 5.13 -18.26 22.88
N ILE A 454 4.29 -18.47 23.88
CA ILE A 454 3.50 -19.69 24.00
C ILE A 454 2.29 -19.61 23.06
N ALA A 455 1.65 -18.46 23.04
CA ALA A 455 0.48 -18.26 22.21
C ALA A 455 0.25 -16.77 21.98
N VAL A 456 -0.25 -16.49 20.77
CA VAL A 456 -0.71 -15.15 20.39
C VAL A 456 -2.24 -15.16 20.42
N LEU A 457 -2.79 -14.53 21.45
CA LEU A 457 -4.22 -14.57 21.73
C LEU A 457 -4.81 -13.17 21.63
N GLY A 458 -6.07 -13.09 21.23
CA GLY A 458 -6.76 -11.78 21.16
C GLY A 458 -7.32 -11.43 22.54
N GLU A 459 -7.61 -10.15 22.79
CA GLU A 459 -8.29 -9.81 24.03
C GLU A 459 -9.27 -8.70 23.76
N THR A 460 -10.47 -8.86 24.28
CA THR A 460 -11.46 -7.82 24.08
C THR A 460 -12.36 -7.66 25.30
N ILE A 461 -13.44 -6.89 25.17
CA ILE A 461 -14.37 -6.75 26.26
C ILE A 461 -15.76 -7.24 25.81
N VAL A 462 -16.34 -8.12 26.61
CA VAL A 462 -17.64 -8.70 26.23
C VAL A 462 -18.51 -8.58 27.45
N ASP A 463 -19.55 -7.74 27.38
CA ASP A 463 -20.38 -7.49 28.55
C ASP A 463 -19.55 -6.93 29.72
N GLY A 464 -18.66 -6.00 29.39
CA GLY A 464 -17.83 -5.37 30.39
C GLY A 464 -16.82 -6.29 31.05
N LYS A 465 -16.55 -7.44 30.44
CA LYS A 465 -15.62 -8.44 30.99
C LYS A 465 -14.45 -8.64 30.02
N THR A 466 -13.23 -8.78 30.53
CA THR A 466 -12.08 -9.08 29.66
C THR A 466 -12.30 -10.50 29.11
N ALA A 467 -12.27 -10.60 27.79
CA ALA A 467 -12.40 -11.87 27.10
C ALA A 467 -11.10 -12.11 26.35
N LEU A 468 -10.68 -13.37 26.33
CA LEU A 468 -9.70 -13.85 25.36
C LEU A 468 -10.39 -14.17 24.05
N LYS A 469 -9.63 -14.10 22.96
CA LYS A 469 -10.14 -14.35 21.62
C LYS A 469 -9.21 -15.23 20.78
N PHE A 470 -9.84 -16.20 20.12
CA PHE A 470 -9.26 -16.94 19.02
C PHE A 470 -9.91 -16.35 17.76
N THR A 471 -9.08 -16.01 16.78
CA THR A 471 -9.49 -15.78 15.41
C THR A 471 -8.97 -16.94 14.57
N ILE A 472 -9.83 -17.93 14.34
CA ILE A 472 -9.42 -19.13 13.62
C ILE A 472 -9.35 -18.90 12.11
N LEU A 473 -8.15 -18.96 11.57
CA LEU A 473 -8.00 -18.73 10.14
C LEU A 473 -7.37 -19.90 9.43
N ASN A 474 -6.34 -20.46 10.04
CA ASN A 474 -5.63 -21.58 9.43
C ASN A 474 -6.62 -22.76 9.26
N PRO A 475 -6.83 -23.24 8.00
CA PRO A 475 -7.81 -24.30 7.78
C PRO A 475 -7.24 -25.70 8.06
N CYS A 476 -6.01 -25.75 8.58
CA CYS A 476 -5.26 -27.01 8.71
C CYS A 476 -5.07 -27.49 10.16
N LEU A 477 -5.74 -26.81 11.08
CA LEU A 477 -5.74 -27.12 12.50
C LEU A 477 -6.68 -28.29 12.84
N THR A 478 -6.32 -29.05 13.90
CA THR A 478 -7.07 -30.24 14.30
C THR A 478 -7.59 -30.06 15.70
N THR A 479 -8.51 -30.95 16.11
CA THR A 479 -9.04 -30.96 17.48
C THR A 479 -7.89 -30.94 18.48
N SER A 480 -6.90 -31.79 18.27
CA SER A 480 -5.77 -31.91 19.20
C SER A 480 -4.97 -30.61 19.30
N ASP A 481 -4.92 -29.83 18.22
CA ASP A 481 -4.30 -28.49 18.31
C ASP A 481 -5.02 -27.62 19.34
N PHE A 482 -6.36 -27.66 19.31
CA PHE A 482 -7.19 -26.83 20.20
C PHE A 482 -7.14 -27.33 21.63
N GLU A 483 -7.18 -28.65 21.81
CA GLU A 483 -7.05 -29.23 23.13
C GLU A 483 -5.75 -28.84 23.79
N SER A 484 -4.65 -28.97 23.04
CA SER A 484 -3.36 -28.52 23.53
C SER A 484 -3.25 -27.00 23.78
N LEU A 485 -3.88 -26.18 22.91
CA LEU A 485 -3.92 -24.74 23.11
C LEU A 485 -4.65 -24.38 24.41
N LEU A 486 -5.81 -24.98 24.65
CA LEU A 486 -6.53 -24.75 25.91
C LEU A 486 -5.75 -25.26 27.13
N SER A 487 -5.09 -26.40 26.99
CA SER A 487 -4.21 -26.91 28.04
C SER A 487 -3.07 -25.93 28.39
N LYS A 488 -2.43 -25.36 27.36
CA LYS A 488 -1.35 -24.38 27.50
C LYS A 488 -1.85 -23.17 28.24
N ILE A 489 -3.04 -22.70 27.87
CA ILE A 489 -3.65 -21.56 28.55
C ILE A 489 -4.01 -21.85 30.00
N ASN A 490 -4.58 -23.02 30.26
CA ASN A 490 -4.89 -23.41 31.63
C ASN A 490 -3.64 -23.46 32.50
N LEU A 492 -0.89 -21.78 32.19
CA LEU A 492 -0.53 -20.40 32.50
C LEU A 492 -1.42 -19.84 33.62
N ALA A 493 -2.72 -20.05 33.47
CA ALA A 493 -3.73 -19.62 34.46
C ALA A 493 -3.47 -20.19 35.86
N VAL A 494 -3.09 -21.46 35.94
CA VAL A 494 -2.79 -22.14 37.20
C VAL A 494 -1.66 -21.42 37.95
N GLU A 495 -0.76 -20.83 37.20
CA GLU A 495 0.40 -20.21 37.75
C GLU A 495 0.19 -18.75 38.11
N LEU A 496 -0.96 -18.19 37.70
CA LEU A 496 -1.27 -16.78 37.88
C LEU A 496 -2.35 -16.57 38.91
N ALA B 14 -12.28 -30.62 6.42
CA ALA B 14 -12.14 -32.10 6.10
C ALA B 14 -10.89 -32.61 5.33
N PRO B 15 -10.75 -32.38 3.99
CA PRO B 15 -9.47 -32.83 3.38
C PRO B 15 -8.30 -31.88 3.70
N GLN B 16 -8.09 -31.65 4.99
CA GLN B 16 -7.04 -30.75 5.46
C GLN B 16 -5.65 -31.21 5.03
N GLU B 17 -5.44 -32.52 4.90
CA GLU B 17 -4.14 -33.01 4.47
C GLU B 17 -3.85 -32.47 3.07
N GLU B 18 -4.88 -32.39 2.24
CA GLU B 18 -4.71 -31.85 0.89
C GLU B 18 -4.40 -30.35 0.91
N TRP B 19 -4.98 -29.66 1.87
CA TRP B 19 -4.81 -28.23 2.01
C TRP B 19 -3.43 -27.85 2.57
N LYS B 20 -2.80 -28.77 3.30
CA LYS B 20 -1.50 -28.45 3.87
C LYS B 20 -0.49 -28.02 2.80
N LYS B 21 -0.55 -28.58 1.60
CA LYS B 21 0.42 -28.22 0.56
C LYS B 21 0.32 -26.72 0.17
N HIS B 22 -0.84 -26.12 0.36
CA HIS B 22 -1.05 -24.69 -0.01
C HIS B 22 -0.47 -23.69 0.97
N PHE B 23 0.07 -24.18 2.09
CA PHE B 23 0.52 -23.30 3.16
C PHE B 23 1.94 -23.67 3.58
N ILE B 24 2.67 -22.70 4.12
CA ILE B 24 3.95 -23.01 4.81
C ILE B 24 3.70 -23.44 6.25
N HIS B 25 4.48 -24.42 6.72
CA HIS B 25 4.37 -24.85 8.11
C HIS B 25 5.74 -24.83 8.74
N THR B 26 5.75 -24.66 10.05
CA THR B 26 7.00 -24.65 10.81
C THR B 26 7.52 -26.09 11.06
N GLY B 27 8.77 -26.22 11.51
CA GLY B 27 9.34 -27.53 11.89
C GLY B 27 9.77 -28.39 10.71
N GLU B 28 10.23 -29.62 11.01
CA GLU B 28 10.81 -30.47 9.98
CA GLU B 28 10.81 -30.49 9.99
C GLU B 28 9.86 -30.74 8.83
N LEU B 29 10.39 -30.59 7.62
CA LEU B 29 9.71 -30.84 6.36
CA LEU B 29 9.68 -30.88 6.37
C LEU B 29 8.59 -29.85 6.05
N GLY B 30 8.27 -28.99 7.02
CA GLY B 30 7.15 -28.03 6.85
C GLY B 30 7.31 -27.05 5.70
N SER B 31 8.56 -26.81 5.30
CA SER B 31 8.85 -25.78 4.29
C SER B 31 9.55 -26.34 3.04
N ALA B 32 9.53 -27.66 2.88
CA ALA B 32 10.12 -28.27 1.70
C ALA B 32 9.41 -27.81 0.44
N GLU B 33 8.07 -27.86 0.45
CA GLU B 33 7.28 -27.44 -0.72
C GLU B 33 7.45 -25.94 -1.01
N PHE B 34 7.48 -25.14 0.05
CA PHE B 34 7.82 -23.72 -0.03
C PHE B 34 9.13 -23.51 -0.82
N ALA B 35 10.19 -24.23 -0.42
CA ALA B 35 11.47 -24.03 -1.06
C ALA B 35 11.42 -24.43 -2.55
N SER B 36 10.76 -25.56 -2.83
CA SER B 36 10.56 -26.06 -4.19
C SER B 36 9.84 -25.06 -5.13
N VAL B 37 8.70 -24.56 -4.64
CA VAL B 37 7.89 -23.59 -5.36
C VAL B 37 8.64 -22.27 -5.63
N SER B 39 11.96 -21.84 -5.56
CA SER B 39 13.07 -22.18 -6.45
C SER B 39 12.54 -22.23 -7.89
N HIS B 40 11.34 -22.79 -8.05
CA HIS B 40 10.70 -22.85 -9.38
C HIS B 40 10.37 -21.47 -9.98
N THR B 41 9.80 -20.60 -9.16
CA THR B 41 9.47 -19.21 -9.52
C THR B 41 10.74 -18.45 -9.90
N THR B 42 11.81 -18.63 -9.13
CA THR B 42 13.10 -17.99 -9.45
C THR B 42 13.59 -18.38 -10.85
N SER B 43 13.54 -19.67 -11.18
CA SER B 43 14.06 -20.16 -12.45
CA SER B 43 14.05 -20.19 -12.45
C SER B 43 13.20 -19.65 -13.60
N ALA B 44 11.90 -19.61 -13.36
CA ALA B 44 10.92 -19.08 -14.30
C ALA B 44 11.24 -17.64 -14.60
N LYS B 46 14.16 -16.12 -14.12
CA LYS B 46 15.48 -16.04 -14.75
C LYS B 46 15.33 -16.25 -16.26
N SER B 47 14.49 -17.21 -16.64
CA SER B 47 14.23 -17.49 -18.05
CA SER B 47 14.19 -17.50 -18.05
C SER B 47 13.55 -16.32 -18.77
N VAL B 48 12.59 -15.67 -18.09
CA VAL B 48 11.95 -14.50 -18.65
C VAL B 48 13.00 -13.41 -18.92
N PHE B 49 13.84 -13.09 -17.92
CA PHE B 49 14.77 -11.97 -18.02
C PHE B 49 15.76 -12.27 -19.17
N GLU B 50 16.23 -13.51 -19.21
CA GLU B 50 17.21 -13.93 -20.22
C GLU B 50 16.69 -13.76 -21.65
N GLN B 51 15.39 -13.89 -21.84
CA GLN B 51 14.82 -13.78 -23.20
CA GLN B 51 14.81 -13.79 -23.19
C GLN B 51 14.24 -12.41 -23.52
N VAL B 52 14.29 -11.48 -22.57
CA VAL B 52 13.87 -10.12 -22.84
C VAL B 52 14.88 -9.39 -23.74
N ASN B 53 14.39 -8.77 -24.81
CA ASN B 53 15.28 -8.02 -25.72
C ASN B 53 14.81 -6.59 -26.01
N ALA B 54 13.83 -6.12 -25.21
CA ALA B 54 13.23 -4.80 -25.40
C ALA B 54 12.44 -4.44 -24.12
N PRO B 55 12.14 -3.14 -23.93
CA PRO B 55 11.35 -2.72 -22.73
C PRO B 55 9.92 -3.31 -22.68
N TYR B 56 9.35 -3.60 -23.86
CA TYR B 56 8.01 -4.23 -23.98
C TYR B 56 8.05 -5.24 -25.17
N SER B 57 7.29 -6.34 -25.05
CA SER B 57 7.31 -7.41 -26.07
C SER B 57 6.82 -6.96 -27.44
N GLY B 58 6.02 -5.90 -27.47
CA GLY B 58 5.34 -5.45 -28.69
C GLY B 58 4.07 -6.17 -29.04
N ASP B 60 0.34 -7.19 -29.45
CA ASP B 60 -0.89 -6.41 -29.58
C ASP B 60 -1.62 -6.28 -28.23
N PRO B 61 -1.79 -5.05 -27.71
CA PRO B 61 -2.46 -4.91 -26.37
C PRO B 61 -3.87 -5.57 -26.31
N LYS B 62 -4.64 -5.48 -27.39
CA LYS B 62 -5.91 -6.20 -27.50
C LYS B 62 -5.79 -7.72 -27.42
N ALA B 63 -4.79 -8.27 -28.11
CA ALA B 63 -4.50 -9.68 -28.05
C ALA B 63 -4.07 -10.09 -26.64
N LEU B 64 -3.21 -9.26 -26.01
CA LEU B 64 -2.79 -9.50 -24.62
C LEU B 64 -3.98 -9.50 -23.67
N GLU B 65 -4.83 -8.46 -23.80
CA GLU B 65 -6.07 -8.33 -23.02
C GLU B 65 -7.01 -9.54 -23.19
N ASP B 66 -7.23 -9.98 -24.45
CA ASP B 66 -8.06 -11.13 -24.74
C ASP B 66 -7.50 -12.39 -24.07
N ALA B 67 -6.18 -12.59 -24.15
CA ALA B 67 -5.62 -13.82 -23.60
C ALA B 67 -5.76 -13.83 -22.07
N ILE B 68 -5.55 -12.67 -21.45
CA ILE B 68 -5.71 -12.55 -19.98
C ILE B 68 -7.16 -12.74 -19.56
N ASN B 69 -8.08 -12.11 -20.29
CA ASN B 69 -9.52 -12.26 -20.07
C ASN B 69 -10.06 -13.70 -20.20
N ALA B 70 -9.40 -14.50 -21.06
CA ALA B 70 -9.82 -15.89 -21.27
C ALA B 70 -9.35 -16.84 -20.17
N VAL B 71 -8.42 -16.39 -19.31
CA VAL B 71 -7.85 -17.26 -18.26
C VAL B 71 -8.95 -17.74 -17.29
N ASP B 72 -8.98 -19.05 -16.99
CA ASP B 72 -9.98 -19.64 -16.07
C ASP B 72 -9.63 -19.52 -14.58
N LEU B 73 -10.42 -18.70 -13.87
CA LEU B 73 -10.26 -18.48 -12.43
C LEU B 73 -11.25 -19.27 -11.58
N ASP B 74 -11.97 -20.21 -12.19
CA ASP B 74 -12.97 -20.96 -11.43
C ASP B 74 -12.70 -22.48 -11.45
N ASN B 75 -12.42 -23.02 -12.62
CA ASN B 75 -12.40 -24.48 -12.79
C ASN B 75 -11.09 -24.99 -13.36
N LYS B 76 -10.06 -24.18 -13.23
CA LYS B 76 -8.73 -24.53 -13.71
C LYS B 76 -8.07 -25.41 -12.67
N ASN B 77 -8.00 -24.91 -11.43
CA ASN B 77 -7.50 -25.66 -10.26
C ASN B 77 -6.27 -26.51 -10.58
N ALA B 78 -5.23 -25.84 -11.09
CA ALA B 78 -4.03 -26.48 -11.61
C ALA B 78 -2.92 -26.45 -10.57
N PRO B 79 -1.97 -27.40 -10.64
CA PRO B 79 -0.83 -27.35 -9.73
C PRO B 79 -0.06 -26.01 -9.82
N LEU B 80 0.42 -25.54 -8.68
CA LEU B 80 0.98 -24.19 -8.56
C LEU B 80 2.14 -23.96 -9.49
N LYS B 81 3.07 -24.93 -9.60
CA LYS B 81 4.16 -24.81 -10.55
C LYS B 81 3.72 -24.57 -11.99
N SER B 82 2.61 -25.20 -12.41
CA SER B 82 2.11 -24.92 -13.77
C SER B 82 1.45 -23.51 -13.90
N VAL B 83 0.81 -23.07 -12.84
CA VAL B 83 0.23 -21.72 -12.82
C VAL B 83 1.36 -20.68 -12.90
N ILE B 84 2.47 -20.96 -12.21
CA ILE B 84 3.66 -20.10 -12.29
C ILE B 84 4.22 -20.02 -13.72
N ASP B 85 4.28 -21.15 -14.42
CA ASP B 85 4.77 -21.21 -15.81
C ASP B 85 3.86 -20.36 -16.75
N ASP B 86 2.55 -20.48 -16.56
CA ASP B 86 1.54 -19.75 -17.33
C ASP B 86 1.64 -18.25 -17.09
N VAL B 87 1.79 -17.88 -15.82
CA VAL B 87 2.03 -16.45 -15.54
C VAL B 87 3.35 -15.95 -16.06
N ALA B 88 4.39 -16.78 -16.00
CA ALA B 88 5.69 -16.41 -16.58
C ALA B 88 5.48 -16.11 -18.05
N GLU B 89 4.76 -17.00 -18.72
CA GLU B 89 4.63 -16.95 -20.17
C GLU B 89 3.75 -15.81 -20.69
N LEU B 90 2.63 -15.59 -20.00
CA LEU B 90 1.63 -14.62 -20.45
C LEU B 90 1.78 -13.27 -19.73
N VAL B 91 1.91 -13.31 -18.42
CA VAL B 91 2.02 -12.05 -17.66
C VAL B 91 3.43 -11.46 -17.73
N ALA B 92 4.40 -12.19 -17.16
CA ALA B 92 5.78 -11.69 -17.04
C ALA B 92 6.38 -11.32 -18.40
N LYS B 93 6.24 -12.20 -19.40
CA LYS B 93 6.85 -11.98 -20.73
C LYS B 93 6.39 -10.69 -21.40
N ASN B 94 5.18 -10.24 -21.08
CA ASN B 94 4.60 -9.09 -21.74
C ASN B 94 4.47 -7.90 -20.79
N ALA B 95 5.30 -7.89 -19.76
CA ALA B 95 5.32 -6.76 -18.81
C ALA B 95 6.25 -5.62 -19.32
N ILE B 96 6.31 -4.53 -18.55
CA ILE B 96 7.26 -3.46 -18.82
C ILE B 96 8.53 -3.68 -17.99
N PHE B 97 9.62 -3.90 -18.70
CA PHE B 97 10.89 -4.19 -18.09
C PHE B 97 11.74 -2.96 -17.82
N THR B 98 11.65 -2.48 -16.58
CA THR B 98 12.42 -1.30 -16.13
C THR B 98 13.90 -1.59 -16.28
N GLN B 99 14.27 -2.87 -16.17
CA GLN B 99 15.68 -3.30 -16.27
C GLN B 99 16.28 -3.19 -17.68
N HIS B 100 15.44 -2.98 -18.69
CA HIS B 100 15.94 -2.74 -20.04
C HIS B 100 16.31 -1.26 -20.21
N PRO B 101 17.48 -0.96 -20.84
CA PRO B 101 17.94 0.45 -20.92
C PRO B 101 16.95 1.40 -21.65
N ASP B 102 16.11 0.86 -22.53
CA ASP B 102 15.22 1.72 -23.33
C ASP B 102 13.85 1.92 -22.66
N CYS B 103 13.71 1.40 -21.45
CA CYS B 103 12.57 1.78 -20.58
C CYS B 103 13.03 2.93 -19.73
N ILE B 104 12.63 4.13 -20.12
CA ILE B 104 13.32 5.33 -19.61
C ILE B 104 12.38 6.53 -19.50
N ALA B 105 11.10 6.27 -19.21
CA ALA B 105 10.07 7.31 -19.24
C ALA B 105 9.81 8.06 -17.95
N HIS B 106 9.59 7.32 -16.88
CA HIS B 106 8.90 7.85 -15.71
C HIS B 106 9.69 7.54 -14.46
N LEU B 107 9.22 8.07 -13.32
CA LEU B 107 9.83 7.73 -12.02
C LEU B 107 9.41 6.34 -11.59
N HIS B 108 9.93 5.36 -12.32
CA HIS B 108 9.55 3.97 -12.16
C HIS B 108 10.86 3.19 -12.17
N THR B 109 11.25 2.73 -11.00
CA THR B 109 12.66 2.48 -10.77
C THR B 109 12.99 1.03 -11.12
N PRO B 110 14.17 0.80 -11.71
CA PRO B 110 14.51 -0.63 -11.76
C PRO B 110 14.85 -1.08 -10.33
N PRO B 111 14.34 -2.24 -9.89
CA PRO B 111 14.52 -2.58 -8.46
C PRO B 111 15.93 -3.05 -8.05
N LEU B 112 16.38 -2.59 -6.87
CA LEU B 112 17.63 -3.03 -6.25
C LEU B 112 17.52 -4.44 -5.72
N PRO B 114 18.79 -5.96 -3.00
CA PRO B 114 18.41 -6.11 -1.59
C PRO B 114 16.89 -5.94 -1.31
N ALA B 115 16.26 -5.07 -2.07
CA ALA B 115 14.79 -4.89 -1.96
C ALA B 115 14.06 -6.12 -2.51
N VAL B 116 14.58 -6.68 -3.60
CA VAL B 116 13.90 -7.86 -4.18
C VAL B 116 14.09 -9.04 -3.24
N ALA B 117 15.26 -9.16 -2.64
CA ALA B 117 15.46 -10.19 -1.59
C ALA B 117 14.57 -9.90 -0.37
N ALA B 118 14.50 -8.65 0.09
CA ALA B 118 13.68 -8.33 1.28
C ALA B 118 12.24 -8.76 1.07
N GLU B 119 11.72 -8.50 -0.13
CA GLU B 119 10.34 -8.88 -0.50
C GLU B 119 10.05 -10.38 -0.32
N ALA B 120 11.06 -11.22 -0.59
CA ALA B 120 10.92 -12.66 -0.38
C ALA B 120 10.67 -12.97 1.10
N ILE B 122 9.66 -10.61 3.46
CA ILE B 122 8.38 -9.94 3.81
C ILE B 122 7.21 -10.87 3.52
N ALA B 123 7.20 -11.44 2.31
CA ALA B 123 6.08 -12.30 1.87
C ALA B 123 5.94 -13.54 2.74
N ALA B 124 7.06 -14.19 3.03
CA ALA B 124 7.04 -15.45 3.79
C ALA B 124 6.64 -15.21 5.26
N LEU B 125 7.11 -14.12 5.84
CA LEU B 125 6.72 -13.74 7.19
C LEU B 125 5.31 -13.14 7.31
N ASN B 126 4.89 -12.38 6.28
CA ASN B 126 3.58 -11.71 6.27
C ASN B 126 3.23 -10.99 7.57
N GLN B 127 4.16 -10.19 8.07
CA GLN B 127 3.94 -9.42 9.29
C GLN B 127 2.99 -8.27 8.98
N SER B 128 2.20 -7.87 9.98
CA SER B 128 1.24 -6.78 9.85
C SER B 128 1.62 -5.65 10.78
N ASP B 130 0.46 -2.98 12.14
CA ASP B 130 -0.44 -2.27 13.05
C ASP B 130 -0.32 -2.65 14.53
N SER B 131 0.36 -3.76 14.86
CA SER B 131 0.68 -3.99 16.26
C SER B 131 1.93 -4.85 16.44
N TRP B 132 2.56 -4.67 17.57
CA TRP B 132 3.73 -5.50 17.94
C TRP B 132 3.42 -6.99 17.81
N ASP B 133 2.26 -7.44 18.32
CA ASP B 133 1.93 -8.88 18.31
C ASP B 133 1.53 -9.47 16.94
N GLN B 134 1.68 -8.65 15.90
CA GLN B 134 1.60 -9.10 14.52
C GLN B 134 2.90 -8.76 13.79
N ALA B 135 3.89 -8.20 14.48
CA ALA B 135 5.05 -7.60 13.81
C ALA B 135 6.15 -7.25 14.84
N SER B 136 6.67 -8.27 15.50
CA SER B 136 7.50 -8.07 16.68
C SER B 136 8.87 -7.42 16.37
N SER B 137 9.67 -8.09 15.57
CA SER B 137 10.95 -7.57 15.16
C SER B 137 10.74 -6.47 14.09
N ALA B 138 9.65 -6.57 13.33
CA ALA B 138 9.40 -5.65 12.20
C ALA B 138 9.13 -4.23 12.74
N THR B 139 8.39 -4.16 13.86
CA THR B 139 8.06 -2.86 14.50
C THR B 139 9.35 -2.09 14.83
N TYR B 140 10.32 -2.81 15.38
CA TYR B 140 11.60 -2.21 15.74
C TYR B 140 12.44 -1.86 14.51
N VAL B 141 12.42 -2.75 13.50
CA VAL B 141 13.08 -2.44 12.23
C VAL B 141 12.53 -1.13 11.64
N GLU B 142 11.21 -0.98 11.56
CA GLU B 142 10.65 0.21 10.93
C GLU B 142 11.11 1.47 11.70
N GLN B 143 11.03 1.42 13.03
CA GLN B 143 11.45 2.59 13.84
C GLN B 143 12.95 2.93 13.68
N LYS B 144 13.77 1.90 13.54
CA LYS B 144 15.21 2.05 13.36
C LYS B 144 15.49 2.79 12.02
N VAL B 145 14.79 2.38 10.96
CA VAL B 145 14.92 3.00 9.64
C VAL B 145 14.42 4.46 9.74
N VAL B 146 13.25 4.62 10.35
CA VAL B 146 12.69 5.97 10.53
C VAL B 146 13.69 6.84 11.32
N ASN B 147 14.18 6.36 12.47
CA ASN B 147 15.23 7.11 13.21
C ASN B 147 16.43 7.53 12.33
N TRP B 148 16.95 6.56 11.57
CA TRP B 148 18.08 6.79 10.69
C TRP B 148 17.71 7.86 9.63
N LEU B 149 16.53 7.77 9.05
CA LEU B 149 16.06 8.78 8.08
C LEU B 149 16.00 10.19 8.68
N CYS B 150 15.47 10.31 9.89
CA CYS B 150 15.37 11.62 10.55
C CYS B 150 16.77 12.23 10.71
N ASP B 151 17.76 11.38 11.01
CA ASP B 151 19.16 11.81 11.09
C ASP B 151 19.69 12.29 9.74
N LYS B 152 19.42 11.57 8.66
CA LYS B 152 19.90 11.94 7.33
C LYS B 152 19.36 13.30 6.88
N TYR B 153 18.11 13.62 7.24
CA TYR B 153 17.53 14.92 6.84
C TYR B 153 17.80 15.97 7.91
N ASP B 154 18.58 15.58 8.92
CA ASP B 154 19.07 16.53 9.97
C ASP B 154 17.93 17.18 10.76
N LEU B 155 16.87 16.40 10.99
CA LEU B 155 15.69 16.92 11.69
C LEU B 155 15.95 17.17 13.18
N SER B 156 15.04 17.83 13.88
CA SER B 156 15.17 18.08 15.34
C SER B 156 15.15 16.81 16.22
N GLU B 157 15.37 17.00 17.51
CA GLU B 157 15.30 15.91 18.44
C GLU B 157 13.86 15.40 18.64
N LYS B 158 12.86 16.22 18.29
CA LYS B 158 11.46 15.79 18.42
C LYS B 158 10.93 15.08 17.15
N ALA B 159 11.82 14.87 16.18
CA ALA B 159 11.39 14.33 14.87
C ALA B 159 10.98 12.84 14.91
N ASP B 160 10.09 12.43 14.01
CA ASP B 160 9.68 11.03 13.89
C ASP B 160 9.11 10.83 12.50
N GLY B 161 8.66 9.63 12.21
CA GLY B 161 8.21 9.28 10.88
C GLY B 161 7.40 8.00 10.90
N ILE B 162 6.76 7.73 9.76
CA ILE B 162 5.94 6.53 9.58
C ILE B 162 6.13 6.13 8.13
N PHE B 163 6.19 4.82 7.88
CA PHE B 163 6.19 4.33 6.51
C PHE B 163 4.76 4.40 5.97
N THR B 164 4.61 4.75 4.70
CA THR B 164 3.34 4.86 4.02
C THR B 164 3.43 4.05 2.70
N SER B 165 2.36 4.10 1.90
CA SER B 165 2.32 3.39 0.58
C SER B 165 3.10 4.10 -0.51
N GLY B 166 3.44 5.37 -0.31
CA GLY B 166 4.24 6.09 -1.29
C GLY B 166 3.97 7.57 -1.16
N GLY B 167 4.46 8.31 -2.16
CA GLY B 167 4.48 9.78 -2.15
C GLY B 167 3.08 10.36 -2.13
N THR B 168 2.16 9.64 -2.76
CA THR B 168 0.79 10.10 -2.75
C THR B 168 0.20 10.09 -1.35
N GLN B 169 0.28 8.96 -0.65
CA GLN B 169 -0.23 8.88 0.72
C GLN B 169 0.58 9.78 1.66
N SER B 170 1.87 9.88 1.42
CA SER B 170 2.67 10.80 2.25
C SER B 170 2.27 12.27 2.09
N ASN B 171 2.05 12.70 0.84
CA ASN B 171 1.62 14.08 0.57
C ASN B 171 0.26 14.34 1.25
N GLN B 172 -0.64 13.38 1.11
CA GLN B 172 -1.98 13.52 1.66
CA GLN B 172 -1.97 13.46 1.69
C GLN B 172 -1.90 13.60 3.19
N GLY B 174 0.80 14.51 5.16
CA GLY B 174 1.49 15.74 5.61
C GLY B 174 0.52 16.92 5.52
N LEU B 175 -0.24 17.00 4.43
CA LEU B 175 -1.19 18.09 4.28
C LEU B 175 -2.40 17.98 5.19
N LEU B 177 -2.25 16.52 8.17
CA LEU B 177 -1.64 17.05 9.42
C LEU B 177 -1.70 18.58 9.47
N ALA B 178 -1.28 19.23 8.37
CA ALA B 178 -1.32 20.68 8.30
C ALA B 178 -2.73 21.26 8.52
N ARG B 179 -3.74 20.58 7.95
CA ARG B 179 -5.12 21.00 8.03
C ARG B 179 -5.54 20.99 9.50
N ASP B 180 -5.29 19.89 10.17
CA ASP B 180 -5.69 19.76 11.59
C ASP B 180 -4.87 20.72 12.48
N TRP B 181 -3.59 20.86 12.15
CA TRP B 181 -2.67 21.75 12.86
C TRP B 181 -3.15 23.19 12.84
N ILE B 182 -3.55 23.68 11.67
CA ILE B 182 -3.96 25.11 11.58
C ILE B 182 -5.29 25.36 12.34
N ALA B 183 -6.24 24.44 12.24
CA ALA B 183 -7.53 24.58 12.94
C ALA B 183 -7.30 24.60 14.46
N ASP B 184 -6.42 23.73 14.94
CA ASP B 184 -6.06 23.71 16.36
C ASP B 184 -5.37 25.04 16.76
N LYS B 185 -4.51 25.54 15.88
CA LYS B 185 -3.76 26.78 16.14
C LYS B 185 -4.70 27.98 16.23
N LEU B 186 -5.53 28.13 15.21
CA LEU B 186 -6.32 29.34 15.04
C LEU B 186 -7.49 29.44 16.04
N SER B 187 -8.16 28.30 16.31
CA SER B 187 -9.35 28.33 17.18
C SER B 187 -9.50 27.14 18.13
N GLY B 188 -8.38 26.47 18.41
CA GLY B 188 -8.42 25.22 19.18
C GLY B 188 -9.52 24.26 18.73
N HIS B 189 -9.70 24.11 17.42
CA HIS B 189 -10.80 23.34 16.92
C HIS B 189 -10.27 21.96 16.47
N SER B 190 -10.84 20.90 17.04
CA SER B 190 -10.47 19.54 16.67
C SER B 190 -11.22 19.09 15.39
N ILE B 191 -10.52 19.14 14.27
CA ILE B 191 -11.09 18.60 13.03
C ILE B 191 -11.41 17.10 13.17
N GLN B 192 -10.51 16.36 13.82
CA GLN B 192 -10.76 14.96 14.06
C GLN B 192 -12.12 14.69 14.70
N LYS B 193 -12.47 15.44 15.77
CA LYS B 193 -13.79 15.29 16.45
C LYS B 193 -15.01 15.99 15.78
N LEU B 194 -14.79 17.19 15.26
CA LEU B 194 -15.89 18.08 14.86
C LEU B 194 -16.05 18.28 13.36
N GLY B 195 -15.07 17.81 12.60
CA GLY B 195 -15.02 18.15 11.19
C GLY B 195 -14.41 19.54 10.94
N LEU B 196 -14.45 19.96 9.70
CA LEU B 196 -13.80 21.21 9.33
C LEU B 196 -14.44 22.41 10.07
N PRO B 197 -13.63 23.37 10.48
CA PRO B 197 -14.16 24.59 11.13
C PRO B 197 -14.93 25.49 10.14
N ASP B 198 -15.75 26.42 10.66
CA ASP B 198 -16.52 27.31 9.75
C ASP B 198 -15.69 28.16 8.78
N TYR B 199 -14.48 28.48 9.17
CA TYR B 199 -13.61 29.25 8.27
C TYR B 199 -12.83 28.35 7.27
N ALA B 200 -13.19 27.05 7.20
CA ALA B 200 -12.42 26.14 6.30
C ALA B 200 -12.39 26.60 4.82
N ASP B 201 -13.47 27.20 4.34
CA ASP B 201 -13.54 27.68 2.95
C ASP B 201 -12.48 28.76 2.60
N LYS B 202 -11.86 29.34 3.63
CA LYS B 202 -10.83 30.37 3.42
C LYS B 202 -9.45 29.78 3.43
N LEU B 203 -9.34 28.55 3.92
CA LEU B 203 -7.99 27.94 3.98
C LEU B 203 -7.42 27.69 2.58
N ARG B 204 -6.11 27.91 2.46
CA ARG B 204 -5.40 27.82 1.16
C ARG B 204 -4.04 27.17 1.37
N ILE B 205 -3.70 26.25 0.46
CA ILE B 205 -2.40 25.62 0.38
C ILE B 205 -1.73 26.28 -0.81
N VAL B 206 -0.49 26.73 -0.59
CA VAL B 206 0.28 27.40 -1.66
C VAL B 206 1.25 26.37 -2.25
N CYS B 207 1.35 26.34 -3.57
CA CYS B 207 2.33 25.47 -4.25
C CYS B 207 2.69 26.05 -5.63
N SER B 208 3.65 25.40 -6.30
CA SER B 208 4.14 25.84 -7.61
C SER B 208 3.20 25.32 -8.70
N LYS B 209 3.12 26.01 -9.82
CA LYS B 209 2.49 25.41 -11.01
C LYS B 209 3.04 24.01 -11.41
N LYS B 210 4.24 23.64 -10.95
CA LYS B 210 4.86 22.37 -11.34
C LYS B 210 4.93 21.36 -10.19
N SER B 211 4.21 21.62 -9.09
CA SER B 211 4.16 20.66 -8.01
C SER B 211 3.27 19.46 -8.43
N HIS B 212 3.30 18.34 -7.69
CA HIS B 212 2.58 17.13 -8.17
C HIS B 212 1.09 17.27 -7.91
N PHE B 213 0.28 16.78 -8.83
CA PHE B 213 -1.17 16.98 -8.81
C PHE B 213 -1.78 16.35 -7.60
N THR B 214 -1.01 15.50 -6.91
CA THR B 214 -1.47 14.94 -5.63
C THR B 214 -1.69 16.01 -4.59
N VAL B 215 -1.30 17.27 -4.88
CA VAL B 215 -1.60 18.43 -3.99
C VAL B 215 -3.08 18.79 -4.10
N GLN B 216 -3.55 19.02 -5.34
CA GLN B 216 -4.98 19.23 -5.63
C GLN B 216 -5.85 18.00 -5.21
N LYS B 217 -5.36 16.79 -5.48
CA LYS B 217 -6.06 15.56 -5.11
C LYS B 217 -6.15 15.43 -3.61
N SER B 218 -5.07 15.78 -2.92
CA SER B 218 -5.01 15.73 -1.44
C SER B 218 -6.05 16.69 -0.89
N ALA B 219 -6.11 17.90 -1.47
CA ALA B 219 -7.09 18.90 -1.02
C ALA B 219 -8.54 18.45 -1.21
N SER B 220 -8.84 17.87 -2.37
CA SER B 220 -10.18 17.19 -2.61
C SER B 220 -10.54 16.10 -1.57
N TRP B 221 -9.62 15.16 -1.37
CA TRP B 221 -9.83 14.07 -0.43
C TRP B 221 -10.15 14.57 0.99
N GLY B 223 -11.44 17.36 1.92
CA GLY B 223 -12.63 18.16 2.00
C GLY B 223 -12.45 19.64 1.73
N LEU B 224 -11.24 20.09 1.35
CA LEU B 224 -11.05 21.50 1.00
C LEU B 224 -11.34 21.82 -0.47
N GLY B 225 -11.16 20.84 -1.33
CA GLY B 225 -11.40 21.02 -2.74
C GLY B 225 -10.23 21.58 -3.49
N GLU B 226 -10.27 21.41 -4.80
CA GLU B 226 -9.21 22.00 -5.65
C GLU B 226 -9.08 23.52 -5.49
N LYS B 227 -10.19 24.18 -5.16
CA LYS B 227 -10.24 25.64 -4.97
C LYS B 227 -9.34 26.10 -3.82
N ALA B 228 -9.03 25.19 -2.89
CA ALA B 228 -8.12 25.53 -1.78
C ALA B 228 -6.65 25.60 -2.19
N VAL B 229 -6.34 25.24 -3.43
CA VAL B 229 -4.95 25.21 -3.83
C VAL B 229 -4.63 26.45 -4.60
N THR B 231 -1.78 28.50 -6.66
CA THR B 231 -0.49 28.25 -7.29
C THR B 231 0.33 29.51 -7.41
N VAL B 232 1.63 29.32 -7.47
CA VAL B 232 2.52 30.44 -7.74
C VAL B 232 3.24 30.08 -9.06
N ASP B 233 3.39 31.08 -9.94
CA ASP B 233 4.09 30.89 -11.22
C ASP B 233 5.43 30.20 -11.02
N ALA B 234 5.76 29.31 -11.96
CA ALA B 234 7.05 28.70 -12.01
C ALA B 234 8.01 29.46 -12.92
N ASN B 235 9.28 29.37 -12.57
CA ASN B 235 10.37 29.72 -13.46
C ASN B 235 10.45 28.76 -14.64
N ALA B 236 11.30 29.10 -15.61
CA ALA B 236 11.44 28.30 -16.86
C ALA B 236 12.24 27.03 -16.60
N ASP B 237 13.02 27.00 -15.52
CA ASP B 237 13.73 25.78 -15.19
C ASP B 237 12.81 24.89 -14.34
N GLY B 238 11.55 25.27 -14.19
CA GLY B 238 10.57 24.53 -13.33
C GLY B 238 10.46 24.89 -11.83
N THR B 239 11.41 25.66 -11.30
CA THR B 239 11.35 26.09 -9.85
C THR B 239 10.19 27.10 -9.53
N ASP B 241 8.63 30.50 -8.53
CA ASP B 241 9.19 31.88 -8.64
C ASP B 241 9.10 32.63 -7.30
N ILE B 242 10.24 32.72 -6.59
CA ILE B 242 10.18 33.28 -5.24
C ILE B 242 9.85 34.78 -5.23
N THR B 243 9.98 35.48 -6.37
CA THR B 243 9.69 36.92 -6.37
C THR B 243 8.18 37.17 -6.36
N LYS B 244 7.40 36.14 -6.65
CA LYS B 244 5.93 36.24 -6.64
C LYS B 244 5.28 35.69 -5.40
N LEU B 245 6.03 34.89 -4.68
CA LEU B 245 5.48 34.10 -3.55
C LEU B 245 4.79 34.86 -2.42
N ASP B 246 5.48 35.85 -1.86
CA ASP B 246 4.93 36.54 -0.74
C ASP B 246 3.71 37.34 -1.22
N GLU B 247 3.81 37.89 -2.43
CA GLU B 247 2.72 38.64 -3.01
C GLU B 247 1.40 37.83 -3.14
N VAL B 248 1.54 36.58 -3.52
CA VAL B 248 0.39 35.70 -3.64
C VAL B 248 -0.23 35.47 -2.27
N ILE B 249 0.64 35.27 -1.27
CA ILE B 249 0.23 35.06 0.11
C ILE B 249 -0.42 36.33 0.71
N ALA B 250 0.22 37.48 0.50
CA ALA B 250 -0.27 38.77 1.00
C ALA B 250 -1.60 39.14 0.35
N GLN B 251 -1.75 38.91 -0.96
CA GLN B 251 -3.03 39.19 -1.65
C GLN B 251 -4.17 38.29 -1.12
N ALA B 252 -3.84 37.03 -0.85
CA ALA B 252 -4.81 36.12 -0.29
C ALA B 252 -5.28 36.64 1.08
N LYS B 253 -4.33 36.99 1.92
CA LYS B 253 -4.66 37.47 3.26
C LYS B 253 -5.50 38.76 3.20
N ALA B 254 -5.15 39.65 2.28
CA ALA B 254 -5.91 40.89 2.06
C ALA B 254 -7.39 40.60 1.74
N GLU B 255 -7.63 39.49 1.05
CA GLU B 255 -8.96 39.01 0.69
C GLU B 255 -9.67 38.22 1.79
N GLY B 256 -9.03 38.10 2.95
CA GLY B 256 -9.59 37.32 4.06
C GLY B 256 -9.29 35.81 3.98
N LEU B 257 -8.47 35.39 3.03
CA LEU B 257 -8.10 33.98 2.92
C LEU B 257 -7.01 33.65 3.92
N ILE B 258 -6.84 32.36 4.16
CA ILE B 258 -5.95 31.91 5.22
C ILE B 258 -5.00 30.85 4.63
N PRO B 259 -3.87 31.30 4.03
CA PRO B 259 -2.81 30.43 3.56
C PRO B 259 -2.27 29.72 4.79
N PHE B 260 -2.39 28.40 4.82
CA PHE B 260 -1.96 27.69 6.02
C PHE B 260 -0.84 26.72 5.76
N ALA B 261 -0.58 26.40 4.50
CA ALA B 261 0.40 25.36 4.17
C ALA B 261 1.07 25.75 2.88
N ILE B 262 2.33 25.35 2.74
CA ILE B 262 3.07 25.64 1.53
C ILE B 262 3.84 24.36 1.17
N VAL B 263 3.79 23.98 -0.11
CA VAL B 263 4.48 22.77 -0.54
C VAL B 263 5.70 23.17 -1.30
N GLY B 264 6.84 22.76 -0.77
CA GLY B 264 8.08 22.91 -1.51
C GLY B 264 8.36 21.58 -2.21
N THR B 265 8.57 21.65 -3.51
CA THR B 265 8.87 20.42 -4.28
C THR B 265 10.38 20.21 -4.53
N ALA B 266 10.91 19.10 -4.03
CA ALA B 266 12.32 18.76 -4.21
C ALA B 266 12.45 17.77 -5.37
N GLY B 267 12.36 18.24 -6.61
CA GLY B 267 12.39 17.32 -7.73
C GLY B 267 11.02 17.28 -8.41
N THR B 268 10.74 18.26 -9.25
CA THR B 268 9.49 18.28 -10.05
C THR B 268 9.48 17.10 -11.05
N THR B 269 8.29 16.58 -11.35
CA THR B 269 8.16 15.36 -12.16
C THR B 269 8.85 15.45 -13.55
N ASP B 270 8.66 16.57 -14.27
CA ASP B 270 9.22 16.75 -15.64
C ASP B 270 10.63 17.36 -15.74
N HIS B 271 10.88 18.44 -14.97
CA HIS B 271 12.20 19.07 -14.97
C HIS B 271 13.16 18.56 -13.90
N GLY B 272 12.65 17.98 -12.82
CA GLY B 272 13.52 17.61 -11.68
C GLY B 272 13.98 18.86 -10.92
N ALA B 273 13.25 19.97 -11.08
CA ALA B 273 13.57 21.21 -10.40
C ALA B 273 13.42 21.06 -8.89
N ILE B 274 14.30 21.73 -8.12
CA ILE B 274 14.21 21.81 -6.64
C ILE B 274 13.88 23.26 -6.21
N ASP B 275 12.69 23.44 -5.60
CA ASP B 275 12.28 24.73 -5.09
C ASP B 275 13.29 25.24 -4.07
N ASP B 276 13.27 26.55 -3.86
CA ASP B 276 14.12 27.21 -2.86
C ASP B 276 13.50 26.93 -1.48
N LEU B 277 13.92 25.83 -0.89
CA LEU B 277 13.34 25.33 0.37
C LEU B 277 13.61 26.26 1.54
N ASP B 278 14.79 26.88 1.56
CA ASP B 278 15.12 27.80 2.63
C ASP B 278 14.22 29.07 2.60
N PHE B 279 14.00 29.61 1.41
CA PHE B 279 13.10 30.73 1.26
C PHE B 279 11.65 30.34 1.60
N ILE B 280 11.26 29.14 1.20
CA ILE B 280 9.91 28.65 1.51
C ILE B 280 9.76 28.45 3.02
N ALA B 281 10.81 27.95 3.64
CA ALA B 281 10.80 27.81 5.10
C ALA B 281 10.67 29.20 5.78
N ASP B 282 11.38 30.21 5.24
CA ASP B 282 11.31 31.57 5.74
C ASP B 282 9.91 32.13 5.61
N ALA B 284 7.21 30.28 5.63
CA ALA B 284 6.40 29.57 6.59
C ALA B 284 6.53 30.25 7.95
N VAL B 285 7.74 30.69 8.29
CA VAL B 285 7.94 31.38 9.56
C VAL B 285 7.17 32.69 9.55
N LYS B 286 7.39 33.47 8.49
CA LYS B 286 6.85 34.84 8.38
C LYS B 286 5.30 34.86 8.47
N HIS B 287 4.65 33.87 7.87
CA HIS B 287 3.22 33.81 7.68
C HIS B 287 2.56 32.69 8.51
N ASP B 288 3.34 32.04 9.39
CA ASP B 288 2.80 30.98 10.28
C ASP B 288 2.08 29.87 9.54
N TRP B 290 2.57 25.82 7.66
CA TRP B 290 3.20 24.51 7.70
C TRP B 290 3.95 24.27 6.35
N HIS B 292 5.46 21.66 3.93
CA HIS B 292 5.58 20.26 3.53
C HIS B 292 6.52 20.16 2.34
N VAL B 293 7.53 19.32 2.45
CA VAL B 293 8.44 19.16 1.32
C VAL B 293 8.09 17.88 0.56
N ASP B 294 7.75 18.01 -0.74
CA ASP B 294 7.48 16.79 -1.52
C ASP B 294 8.84 16.34 -2.05
N GLY B 295 9.45 15.36 -1.37
CA GLY B 295 10.75 14.92 -1.77
C GLY B 295 10.71 13.59 -2.51
N ALA B 296 9.56 13.26 -3.12
CA ALA B 296 9.33 11.92 -3.76
C ALA B 296 10.49 11.55 -4.68
N TYR B 297 10.83 12.46 -5.60
CA TYR B 297 11.98 12.31 -6.49
C TYR B 297 13.32 12.73 -5.85
N GLY B 298 13.51 14.01 -5.57
CA GLY B 298 14.84 14.52 -5.35
C GLY B 298 15.30 14.41 -3.94
N GLY B 299 14.44 13.89 -3.06
CA GLY B 299 14.82 13.71 -1.64
C GLY B 299 15.99 12.75 -1.47
N ALA B 300 16.18 11.86 -2.44
CA ALA B 300 17.35 10.99 -2.46
C ALA B 300 18.69 11.72 -2.55
N LEU B 301 18.68 12.94 -3.07
CA LEU B 301 19.89 13.73 -3.17
C LEU B 301 20.51 14.04 -1.79
N ILE B 302 19.76 13.78 -0.73
CA ILE B 302 20.27 13.99 0.63
C ILE B 302 21.52 13.13 0.89
N LEU B 303 21.63 12.00 0.19
CA LEU B 303 22.81 11.12 0.32
C LEU B 303 23.99 11.42 -0.61
N SER B 304 23.83 12.40 -1.50
CA SER B 304 24.81 12.64 -2.58
C SER B 304 25.68 13.89 -2.33
N SER B 305 26.59 14.17 -3.28
CA SER B 305 27.43 15.38 -3.25
C SER B 305 26.59 16.64 -3.44
N HIS B 306 25.31 16.45 -3.78
CA HIS B 306 24.44 17.59 -4.13
C HIS B 306 23.38 17.92 -3.07
N LYS B 307 23.57 17.36 -1.88
CA LYS B 307 22.76 17.65 -0.72
C LYS B 307 22.44 19.13 -0.49
N SER B 308 23.42 20.03 -0.75
CA SER B 308 23.23 21.47 -0.56
C SER B 308 22.00 22.05 -1.32
N ARG B 309 21.63 21.43 -2.45
CA ARG B 309 20.45 21.89 -3.21
C ARG B 309 19.16 21.73 -2.41
N LEU B 310 19.17 20.81 -1.44
CA LEU B 310 18.00 20.58 -0.56
C LEU B 310 18.05 21.43 0.74
N LYS B 311 18.99 22.39 0.82
CA LYS B 311 19.06 23.24 2.00
C LYS B 311 17.70 23.88 2.36
N GLY B 312 17.28 23.71 3.61
CA GLY B 312 15.97 24.18 4.04
C GLY B 312 15.07 22.99 4.35
N VAL B 313 15.29 21.88 3.66
CA VAL B 313 14.55 20.64 3.96
C VAL B 313 14.54 20.32 5.47
N GLU B 314 15.68 20.53 6.15
CA GLU B 314 15.81 20.19 7.56
C GLU B 314 14.89 21.07 8.47
N ARG B 315 14.29 22.14 7.89
CA ARG B 315 13.38 23.04 8.59
C ARG B 315 11.88 22.68 8.41
N ALA B 316 11.61 21.70 7.54
CA ALA B 316 10.26 21.32 7.14
C ALA B 316 9.40 20.89 8.36
N HIS B 317 8.11 21.23 8.28
CA HIS B 317 7.13 20.59 9.18
C HIS B 317 6.96 19.12 8.83
N SER B 318 6.93 18.81 7.54
CA SER B 318 6.86 17.39 7.16
C SER B 318 7.61 17.20 5.85
N ILE B 319 8.00 15.96 5.57
CA ILE B 319 8.76 15.63 4.33
C ILE B 319 8.31 14.25 3.84
N SER B 320 7.91 14.19 2.58
CA SER B 320 7.57 12.96 1.92
C SER B 320 8.84 12.42 1.21
N VAL B 321 9.16 11.16 1.51
CA VAL B 321 10.31 10.45 0.94
C VAL B 321 9.80 9.17 0.25
N ASP B 322 10.11 9.02 -1.03
CA ASP B 322 9.62 7.84 -1.66
CA ASP B 322 9.61 7.88 -1.82
C ASP B 322 10.74 6.96 -2.19
N PHE B 323 10.91 5.84 -1.49
CA PHE B 323 12.07 4.99 -1.70
C PHE B 323 11.99 4.18 -3.01
N HIS B 324 10.78 3.94 -3.47
CA HIS B 324 10.58 3.25 -4.72
C HIS B 324 10.75 4.14 -5.97
N LYS B 325 11.30 5.34 -5.79
CA LYS B 325 11.73 6.10 -6.95
C LYS B 325 13.28 6.03 -6.95
N LEU B 326 14.00 7.08 -6.54
CA LEU B 326 15.44 7.07 -6.71
C LEU B 326 16.26 6.22 -5.72
N PHE B 327 15.61 5.64 -4.70
CA PHE B 327 16.29 4.72 -3.79
C PHE B 327 16.23 3.30 -4.34
N TYR B 328 15.54 3.13 -5.47
CA TYR B 328 15.47 1.85 -6.19
C TYR B 328 14.77 0.73 -5.46
N GLN B 329 13.98 1.05 -4.44
CA GLN B 329 13.21 0.05 -3.75
C GLN B 329 11.98 -0.38 -4.56
N THR B 330 11.56 -1.62 -4.38
CA THR B 330 10.33 -2.12 -4.98
C THR B 330 9.09 -1.36 -4.44
N ILE B 331 8.14 -1.09 -5.33
CA ILE B 331 6.84 -0.53 -4.86
C ILE B 331 6.18 -1.54 -3.90
N SER B 332 5.57 -1.14 -2.78
CA SER B 332 5.51 0.18 -2.20
C SER B 332 6.67 0.42 -1.23
N CYS B 333 7.13 1.65 -1.13
CA CYS B 333 8.16 1.94 -0.14
C CYS B 333 8.29 3.44 0.03
N GLY B 334 7.62 4.01 1.03
CA GLY B 334 7.61 5.47 1.20
C GLY B 334 7.52 5.84 2.66
N ALA B 335 7.94 7.03 3.02
CA ALA B 335 7.79 7.43 4.41
C ALA B 335 7.33 8.87 4.48
N LEU B 336 6.71 9.24 5.59
CA LEU B 336 6.44 10.64 5.88
C LEU B 336 7.22 10.98 7.12
N LEU B 337 8.02 12.05 7.07
CA LEU B 337 8.73 12.47 8.27
C LEU B 337 8.15 13.77 8.80
N VAL B 338 8.25 13.95 10.12
CA VAL B 338 7.82 15.20 10.76
C VAL B 338 8.90 15.67 11.71
N ASN B 339 9.08 16.98 11.76
CA ASN B 339 10.07 17.59 12.58
C ASN B 339 9.62 17.53 14.04
N ASP B 340 8.32 17.45 14.29
CA ASP B 340 7.81 17.41 15.69
C ASP B 340 6.72 16.34 15.83
N LYS B 341 7.07 15.24 16.47
CA LYS B 341 6.17 14.10 16.51
C LYS B 341 4.87 14.36 17.24
N SER B 342 4.78 15.44 17.99
CA SER B 342 3.54 15.75 18.69
C SER B 342 2.44 16.06 17.65
N ASN B 343 2.86 16.46 16.44
CA ASN B 343 1.92 16.71 15.36
C ASN B 343 1.21 15.43 14.94
N PHE B 344 1.81 14.28 15.23
CA PHE B 344 1.06 13.03 15.03
C PHE B 344 -0.17 12.84 15.97
N LYS B 345 -0.33 13.69 16.98
CA LYS B 345 -1.50 13.66 17.86
C LYS B 345 -2.80 13.79 17.13
N PHE B 346 -2.78 14.44 15.97
CA PHE B 346 -4.00 14.70 15.19
C PHE B 346 -4.60 13.42 14.60
N LEU B 347 -3.80 12.36 14.56
CA LEU B 347 -4.10 11.07 13.94
C LEU B 347 -4.52 10.00 14.92
N LEU B 348 -4.51 10.33 16.20
CA LEU B 348 -4.77 9.32 17.25
C LEU B 348 -6.20 9.44 17.73
N LYS B 373 -0.96 -3.32 7.31
N LYS B 373 -0.98 -3.15 7.15
CA LYS B 373 0.15 -2.56 6.74
CA LYS B 373 0.27 -2.44 6.87
C LYS B 373 1.42 -3.43 6.65
N ARG B 374 2.08 -3.31 5.52
CA ARG B 374 3.12 -4.20 5.04
C ARG B 374 4.51 -3.82 5.63
N PHE B 375 5.41 -4.81 5.75
CA PHE B 375 6.76 -4.61 6.29
C PHE B 375 7.76 -4.06 5.22
N ASP B 376 7.39 -2.98 4.54
CA ASP B 376 8.21 -2.42 3.47
C ASP B 376 9.51 -1.83 3.96
N ALA B 377 9.59 -1.49 5.25
CA ALA B 377 10.84 -0.93 5.82
C ALA B 377 11.98 -1.93 5.79
N LEU B 378 11.68 -3.24 5.76
CA LEU B 378 12.75 -4.27 5.63
C LEU B 378 13.64 -4.01 4.41
N LYS B 379 13.01 -3.54 3.31
CA LYS B 379 13.74 -3.18 2.09
C LYS B 379 14.88 -2.19 2.32
N VAL B 380 14.55 -1.08 2.97
CA VAL B 380 15.49 -0.02 3.24
C VAL B 380 16.53 -0.53 4.25
N PHE B 381 16.08 -1.18 5.32
CA PHE B 381 16.95 -1.78 6.32
C PHE B 381 18.04 -2.65 5.69
N THR B 383 18.85 -2.80 2.28
CA THR B 383 19.59 -1.98 1.31
C THR B 383 20.74 -1.20 1.95
N GLN B 385 22.31 -1.67 4.72
CA GLN B 385 23.37 -2.58 5.19
C GLN B 385 24.24 -3.17 4.05
N ASN B 386 23.66 -3.27 2.85
CA ASN B 386 24.30 -3.93 1.71
C ASN B 386 24.98 -2.93 0.75
N VAL B 387 24.17 -2.20 -0.01
CA VAL B 387 24.68 -1.17 -0.92
C VAL B 387 25.23 0.03 -0.15
N GLY B 388 24.43 0.48 0.84
CA GLY B 388 24.79 1.57 1.74
C GLY B 388 24.58 2.96 1.16
N PRO B 389 24.49 3.98 2.03
CA PRO B 389 24.11 5.35 1.62
C PRO B 389 25.15 6.04 0.71
N LYS B 390 26.43 5.77 0.92
CA LYS B 390 27.45 6.47 0.13
C LYS B 390 27.37 6.06 -1.34
N ALA B 391 27.24 4.75 -1.57
CA ALA B 391 27.16 4.20 -2.91
C ALA B 391 25.97 4.75 -3.64
N LEU B 392 24.83 4.76 -2.94
CA LEU B 392 23.62 5.36 -3.46
C LEU B 392 23.91 6.82 -3.88
N GLY B 393 24.50 7.60 -2.98
CA GLY B 393 24.88 8.99 -3.35
C GLY B 393 25.81 9.09 -4.58
N ASP B 394 26.77 8.16 -4.69
CA ASP B 394 27.71 8.15 -5.84
C ASP B 394 26.92 7.86 -7.14
N TYR B 396 23.86 8.84 -7.58
CA TYR B 396 23.09 10.05 -7.94
C TYR B 396 24.03 11.09 -8.57
N ASP B 397 25.24 11.19 -8.05
CA ASP B 397 26.26 12.09 -8.60
C ASP B 397 26.47 11.71 -10.08
N HIS B 398 26.59 10.42 -10.34
CA HIS B 398 26.78 9.89 -11.68
C HIS B 398 25.57 10.20 -12.56
N LEU B 399 24.36 10.02 -12.02
CA LEU B 399 23.17 10.31 -12.79
C LEU B 399 23.05 11.79 -13.23
N LEU B 400 23.34 12.72 -12.32
CA LEU B 400 23.32 14.16 -12.65
C LEU B 400 24.31 14.56 -13.75
N ALA B 401 25.54 14.05 -13.64
CA ALA B 401 26.59 14.25 -14.61
C ALA B 401 26.18 13.63 -15.95
N GLN B 402 25.62 12.43 -15.93
CA GLN B 402 25.29 11.74 -17.17
C GLN B 402 24.16 12.46 -17.85
N THR B 403 23.23 12.97 -17.08
CA THR B 403 22.08 13.69 -17.65
C THR B 403 22.55 14.95 -18.41
N LEU B 404 23.51 15.65 -17.83
CA LEU B 404 24.15 16.78 -18.52
C LEU B 404 24.76 16.32 -19.84
N GLU B 405 25.45 15.18 -19.81
CA GLU B 405 26.09 14.63 -21.02
C GLU B 405 25.06 14.27 -22.09
N VAL B 406 23.93 13.69 -21.67
CA VAL B 406 22.85 13.32 -22.59
C VAL B 406 22.20 14.56 -23.23
N ALA B 407 21.92 15.61 -22.43
CA ALA B 407 21.46 16.88 -22.96
C ALA B 407 22.41 17.38 -24.05
N ASP B 408 23.71 17.31 -23.76
CA ASP B 408 24.74 17.78 -24.68
C ASP B 408 24.69 16.98 -25.99
N ILE B 410 22.07 15.55 -27.29
CA ILE B 410 20.86 15.96 -28.01
C ILE B 410 21.04 17.33 -28.64
N ARG B 411 21.59 18.24 -27.84
CA ARG B 411 21.92 19.60 -28.29
C ARG B 411 22.72 19.61 -29.61
N THR B 412 23.66 18.68 -29.75
CA THR B 412 24.56 18.65 -30.90
C THR B 412 24.07 17.68 -31.97
N ASN B 413 22.87 17.16 -31.80
CA ASN B 413 22.31 16.25 -32.78
C ASN B 413 21.22 16.97 -33.53
N ASP B 414 21.46 17.27 -34.81
CA ASP B 414 20.50 18.04 -35.61
C ASP B 414 19.14 17.36 -35.93
N GLN B 415 18.92 16.10 -35.56
CA GLN B 415 17.57 15.52 -35.72
C GLN B 415 16.69 15.69 -34.48
N PHE B 416 17.27 16.35 -33.47
CA PHE B 416 16.59 16.59 -32.23
C PHE B 416 16.70 18.05 -31.84
N GLU B 417 15.88 18.44 -30.88
CA GLU B 417 15.98 19.73 -30.21
C GLU B 417 15.84 19.54 -28.70
N LEU B 418 16.82 20.04 -27.95
CA LEU B 418 16.77 20.07 -26.50
C LEU B 418 15.79 21.17 -26.08
N LEU B 419 14.84 20.83 -25.21
CA LEU B 419 13.77 21.76 -24.85
C LEU B 419 13.90 22.41 -23.46
N ALA B 420 14.83 21.92 -22.65
CA ALA B 420 15.17 22.49 -21.35
C ALA B 420 16.56 22.01 -20.94
N GLU B 421 17.20 22.78 -20.07
CA GLU B 421 18.47 22.38 -19.47
C GLU B 421 18.17 21.54 -18.24
N PRO B 422 18.74 20.33 -18.16
CA PRO B 422 18.43 19.48 -17.01
C PRO B 422 18.71 20.10 -15.62
N SER B 423 17.90 19.69 -14.65
CA SER B 423 18.08 20.04 -13.26
C SER B 423 18.42 18.84 -12.40
N LEU B 424 18.00 17.65 -12.83
CA LEU B 424 18.28 16.48 -12.03
C LEU B 424 18.60 15.35 -13.01
N SER B 425 17.67 14.44 -13.26
CA SER B 425 17.99 13.32 -14.14
C SER B 425 16.99 13.15 -15.25
N THR B 426 16.19 14.20 -15.48
CA THR B 426 15.29 14.19 -16.64
C THR B 426 15.89 14.96 -17.81
N VAL B 427 15.53 14.54 -19.01
CA VAL B 427 15.91 15.29 -20.22
C VAL B 427 14.66 15.54 -21.04
N LEU B 428 14.49 16.79 -21.46
CA LEU B 428 13.28 17.19 -22.19
C LEU B 428 13.69 17.59 -23.60
N PHE B 429 13.14 16.92 -24.61
CA PHE B 429 13.61 17.10 -26.00
C PHE B 429 12.56 16.62 -26.99
N ARG B 430 12.73 16.96 -28.27
CA ARG B 430 11.80 16.47 -29.28
C ARG B 430 12.52 16.12 -30.58
N ALA B 431 11.96 15.18 -31.35
CA ALA B 431 12.42 15.01 -32.73
C ALA B 431 12.01 16.24 -33.53
N THR B 432 12.91 16.69 -34.42
CA THR B 432 12.71 17.92 -35.19
C THR B 432 12.73 17.70 -36.71
N HIS B 433 12.07 18.58 -37.45
CA HIS B 433 11.94 18.45 -38.89
C HIS B 433 11.63 19.85 -39.43
N GLU B 434 12.18 20.20 -40.58
CA GLU B 434 11.98 21.55 -41.13
C GLU B 434 10.56 21.86 -41.65
N THR B 435 9.77 20.84 -41.95
CA THR B 435 8.41 21.10 -42.44
C THR B 435 7.29 20.38 -41.68
N ALA B 436 7.59 19.17 -41.18
CA ALA B 436 6.59 18.39 -40.45
C ALA B 436 6.03 19.13 -39.21
N ASP B 437 4.84 18.69 -38.82
CA ASP B 437 4.13 19.22 -37.68
C ASP B 437 4.66 18.43 -36.48
N LEU B 438 5.50 19.07 -35.67
CA LEU B 438 6.28 18.37 -34.63
C LEU B 438 5.48 17.87 -33.43
N ASP B 439 4.48 18.63 -32.97
CA ASP B 439 3.54 18.08 -32.02
C ASP B 439 2.97 16.74 -32.52
N GLU B 440 2.44 16.71 -33.74
CA GLU B 440 1.92 15.48 -34.34
C GLU B 440 2.98 14.37 -34.42
N LEU B 441 4.15 14.71 -34.94
CA LEU B 441 5.27 13.76 -35.05
C LEU B 441 5.65 13.16 -33.70
N ASN B 442 5.86 14.00 -32.69
CA ASN B 442 6.34 13.51 -31.39
C ASN B 442 5.32 12.71 -30.56
N LYS B 443 4.02 13.08 -30.66
CA LYS B 443 2.95 12.22 -30.08
C LYS B 443 2.91 10.84 -30.74
N ALA B 444 2.93 10.82 -32.07
CA ALA B 444 2.93 9.56 -32.84
C ALA B 444 4.14 8.70 -32.51
N LEU B 445 5.31 9.35 -32.51
CA LEU B 445 6.57 8.77 -32.08
C LEU B 445 6.49 8.03 -30.74
N ARG B 446 6.06 8.75 -29.70
CA ARG B 446 5.99 8.22 -28.35
C ARG B 446 5.09 6.97 -28.31
N LEU B 447 3.89 7.06 -28.88
CA LEU B 447 2.96 5.93 -28.86
C LEU B 447 3.46 4.76 -29.72
N GLU B 448 3.98 5.03 -30.92
CA GLU B 448 4.59 3.96 -31.77
C GLU B 448 5.75 3.26 -31.05
N ALA B 449 6.66 4.02 -30.45
CA ALA B 449 7.82 3.41 -29.79
C ALA B 449 7.33 2.47 -28.66
N LEU B 450 6.24 2.87 -28.00
CA LEU B 450 5.71 2.12 -26.86
C LEU B 450 5.09 0.84 -27.37
N THR B 451 4.15 1.00 -28.31
CA THR B 451 3.37 -0.12 -28.86
C THR B 451 4.25 -1.23 -29.44
N ARG B 452 5.34 -0.84 -30.10
CA ARG B 452 6.23 -1.80 -30.79
C ARG B 452 7.24 -2.39 -29.80
N GLY B 453 7.32 -1.76 -28.62
CA GLY B 453 8.25 -2.12 -27.56
C GLY B 453 9.66 -1.65 -27.87
N ILE B 454 9.79 -0.64 -28.72
CA ILE B 454 11.10 -0.09 -29.08
C ILE B 454 11.69 0.72 -27.92
N ALA B 455 10.86 1.60 -27.34
CA ALA B 455 11.26 2.38 -26.17
C ALA B 455 10.03 2.85 -25.43
N VAL B 456 10.19 3.03 -24.12
CA VAL B 456 9.14 3.60 -23.27
C VAL B 456 9.68 4.98 -22.90
N LEU B 457 9.05 5.99 -23.48
CA LEU B 457 9.44 7.39 -23.39
C LEU B 457 8.37 8.20 -22.65
N GLY B 458 8.77 9.24 -21.92
CA GLY B 458 7.77 10.10 -21.33
C GLY B 458 7.30 11.10 -22.38
N GLU B 459 6.19 11.78 -22.08
CA GLU B 459 5.67 12.84 -22.93
C GLU B 459 5.05 13.95 -22.09
N THR B 460 5.47 15.18 -22.34
CA THR B 460 4.84 16.34 -21.71
C THR B 460 4.76 17.53 -22.62
N ILE B 461 4.34 18.66 -22.03
CA ILE B 461 4.32 19.95 -22.70
C ILE B 461 5.39 20.85 -22.10
N VAL B 462 6.22 21.40 -22.97
CA VAL B 462 7.22 22.37 -22.57
C VAL B 462 7.01 23.59 -23.44
N ASP B 463 6.69 24.73 -22.83
CA ASP B 463 6.73 25.97 -23.60
C ASP B 463 5.69 25.91 -24.71
N GLY B 464 4.62 25.17 -24.47
CA GLY B 464 3.56 25.03 -25.46
C GLY B 464 3.81 23.99 -26.53
N LYS B 465 4.87 23.20 -26.39
CA LYS B 465 5.17 22.18 -27.39
C LYS B 465 5.22 20.76 -26.82
N THR B 466 4.88 19.76 -27.63
CA THR B 466 5.04 18.39 -27.15
C THR B 466 6.53 18.04 -27.02
N ALA B 467 6.90 17.57 -25.83
CA ALA B 467 8.24 17.10 -25.57
C ALA B 467 8.21 15.64 -25.22
N LEU B 468 9.19 14.92 -25.76
CA LEU B 468 9.55 13.63 -25.23
C LEU B 468 10.42 13.84 -23.99
N LYS B 469 10.46 12.80 -23.15
CA LYS B 469 11.14 12.80 -21.86
C LYS B 469 11.90 11.52 -21.60
N PHE B 470 13.18 11.66 -21.26
CA PHE B 470 13.91 10.60 -20.58
C PHE B 470 13.85 10.91 -19.08
N THR B 471 13.54 9.90 -18.27
CA THR B 471 13.78 9.99 -16.83
C THR B 471 14.85 8.94 -16.54
N ILE B 472 16.10 9.41 -16.35
CA ILE B 472 17.23 8.50 -16.23
C ILE B 472 17.34 8.07 -14.78
N LEU B 473 17.18 6.79 -14.53
CA LEU B 473 17.27 6.27 -13.15
C LEU B 473 18.30 5.17 -13.04
N ASN B 474 18.37 4.30 -14.06
CA ASN B 474 19.32 3.19 -14.05
C ASN B 474 20.75 3.75 -14.06
N PRO B 475 21.55 3.44 -13.01
CA PRO B 475 22.87 4.07 -12.94
C PRO B 475 23.93 3.31 -13.75
N CYS B 476 23.51 2.33 -14.55
CA CYS B 476 24.42 1.43 -15.25
C CYS B 476 24.37 1.58 -16.75
N LEU B 477 23.79 2.67 -17.24
CA LEU B 477 23.70 2.95 -18.67
C LEU B 477 24.99 3.65 -19.10
N THR B 478 25.33 3.45 -20.37
CA THR B 478 26.55 3.99 -20.95
C THR B 478 26.18 4.97 -22.06
N THR B 479 27.16 5.71 -22.57
CA THR B 479 26.83 6.65 -23.64
C THR B 479 26.35 5.89 -24.87
N SER B 480 26.90 4.69 -25.10
CA SER B 480 26.46 3.91 -26.25
C SER B 480 24.96 3.51 -26.14
N ASP B 481 24.45 3.31 -24.93
CA ASP B 481 23.03 3.07 -24.73
C ASP B 481 22.19 4.24 -25.26
N PHE B 482 22.62 5.44 -24.85
CA PHE B 482 21.96 6.68 -25.26
C PHE B 482 22.06 6.93 -26.76
N GLU B 483 23.24 6.71 -27.32
CA GLU B 483 23.45 6.80 -28.76
CA GLU B 483 23.47 6.78 -28.74
C GLU B 483 22.50 5.84 -29.49
N SER B 484 22.45 4.59 -29.04
CA SER B 484 21.53 3.62 -29.66
CA SER B 484 21.54 3.58 -29.60
C SER B 484 20.08 4.05 -29.49
N LEU B 485 19.74 4.56 -28.30
CA LEU B 485 18.36 5.04 -28.05
C LEU B 485 17.97 6.20 -29.00
N LEU B 486 18.84 7.21 -29.11
CA LEU B 486 18.57 8.31 -30.01
C LEU B 486 18.38 7.82 -31.46
N SER B 487 19.14 6.79 -31.86
CA SER B 487 19.06 6.28 -33.25
C SER B 487 17.69 5.57 -33.46
N LYS B 488 17.30 4.72 -32.51
CA LYS B 488 15.95 4.06 -32.54
C LYS B 488 14.84 5.09 -32.71
N ILE B 489 14.95 6.20 -31.98
CA ILE B 489 13.94 7.23 -31.98
C ILE B 489 13.95 7.93 -33.35
N ASN B 490 15.14 8.23 -33.86
CA ASN B 490 15.23 8.88 -35.15
C ASN B 490 14.70 7.99 -36.26
N LEU B 492 12.40 5.84 -36.14
CA LEU B 492 10.96 5.90 -36.09
C LEU B 492 10.47 7.23 -36.66
N ALA B 493 11.11 8.33 -36.28
CA ALA B 493 10.71 9.66 -36.76
C ALA B 493 10.74 9.72 -38.28
N VAL B 494 11.78 9.14 -38.87
CA VAL B 494 11.95 9.14 -40.32
C VAL B 494 10.74 8.47 -41.01
N GLU B 495 10.17 7.44 -40.38
CA GLU B 495 9.05 6.72 -40.97
C GLU B 495 7.70 7.43 -40.76
N LEU B 496 7.65 8.32 -39.77
CA LEU B 496 6.51 9.22 -39.56
C LEU B 496 6.95 10.61 -40.04
#